data_6NMS
#
_entry.id   6NMS
#
_cell.length_a   81.390
_cell.length_b   75.190
_cell.length_c   103.820
_cell.angle_alpha   90.000
_cell.angle_beta   104.430
_cell.angle_gamma   90.000
#
_symmetry.space_group_name_H-M   'P 1 21 1'
#
loop_
_entity.id
_entity.type
_entity.pdbx_description
1 polymer 'Fab 136 anti-SIRP-alpha antibody Variable Light Chain'
2 polymer 'Fab 136 anti-SIRP-alpha antibody Variable Heavy Chain'
3 polymer 'Tyrosine-protein phosphatase non-receptor type substrate 1'
4 water water
#
loop_
_entity_poly.entity_id
_entity_poly.type
_entity_poly.pdbx_seq_one_letter_code
_entity_poly.pdbx_strand_id
1 'polypeptide(L)'
;ETVLTQSPGTLTLSPGERATLTCRASQSVYTYLAWYQEKPGQAPRLLIYGASSRATGIPDRFSGSGSGTEFTLTISSLQS
EDFAVYYCQQYYDRPPLTFGGGTKVEIKRTVAAPSVFIFPPSDEQLKSGTASVVCLLNNFYPREAKVQWKVDNALQSGNS
QESVTEQDSKDSTYSLSSTLTLSKADYEKHKVYACEVTHQGLSSPVTKSFNRGEC
;
L,A
2 'polypeptide(L)'
;DVQLVESGGGVVRPGESLRLSCAASGFTFSSYDMNWVRQAPGEGLEWVSLISGSGEIIYYADSVKGRFTISRDNSKNTLY
LQMNSLRAEDTAVYYCAKENNRYRFFDDWGQGTLVTVSSASTKGPSVFPLAPSSKSTSGGTAALGCLVKDYFPEPVTVSW
NSGALTSGVHTFPAVLQSSGLYSLSSVVTVPSSSLGTQTYICNVNHKPSNTKVDKKVEPKSCHHHHHH
;
H,B
3 'polypeptide(L)'
;EEELQVIQPDKSVLVAAGETATLRCTATSLIPVGPIQWFRGAGPGRELIYNQKEGHFPRVTTVSDLTKRNNMDFSIRIGA
ITPADAGTYYCVKFRKGSPDDVEFKSGAGTELSVRAKPSTRHHHHHH
;
S,C
#
# COMPACT_ATOMS: atom_id res chain seq x y z
N GLU A 1 9.73 6.72 5.38
CA GLU A 1 11.10 6.66 4.82
C GLU A 1 11.91 7.89 5.24
N THR A 2 13.19 7.88 4.89
CA THR A 2 14.10 9.00 5.12
C THR A 2 14.36 9.72 3.81
N VAL A 3 14.17 11.04 3.81
CA VAL A 3 14.37 11.88 2.62
C VAL A 3 15.71 12.59 2.73
N LEU A 4 16.50 12.50 1.66
CA LEU A 4 17.78 13.19 1.57
C LEU A 4 17.62 14.37 0.61
N THR A 5 18.10 15.53 1.03
CA THR A 5 18.03 16.73 0.19
C THR A 5 19.43 17.30 0.05
N GLN A 6 19.86 17.46 -1.20
CA GLN A 6 21.14 18.05 -1.55
C GLN A 6 20.88 19.45 -2.11
N SER A 7 21.55 20.45 -1.53
CA SER A 7 21.44 21.84 -1.93
C SER A 7 22.84 22.42 -2.08
N PRO A 8 23.07 23.23 -3.13
CA PRO A 8 22.10 23.57 -4.17
C PRO A 8 22.09 22.51 -5.27
N GLY A 9 21.17 22.65 -6.22
CA GLY A 9 21.15 21.72 -7.34
C GLY A 9 22.34 21.89 -8.27
N THR A 10 22.83 23.12 -8.42
CA THR A 10 23.97 23.43 -9.27
C THR A 10 24.98 24.26 -8.48
N LEU A 11 26.24 23.81 -8.46
CA LEU A 11 27.31 24.51 -7.76
C LEU A 11 28.34 24.98 -8.78
N THR A 12 28.64 26.28 -8.76
CA THR A 12 29.46 26.93 -9.78
C THR A 12 30.79 27.34 -9.20
N LEU A 13 31.86 26.68 -9.64
CA LEU A 13 33.18 26.89 -9.06
C LEU A 13 34.23 26.84 -10.15
N SER A 14 35.32 27.57 -9.92
CA SER A 14 36.42 27.60 -10.87
C SER A 14 37.32 26.40 -10.67
N PRO A 15 38.02 25.96 -11.72
CA PRO A 15 38.96 24.84 -11.57
C PRO A 15 40.05 25.15 -10.55
N GLY A 16 40.34 24.15 -9.70
CA GLY A 16 41.31 24.33 -8.64
C GLY A 16 40.73 24.85 -7.35
N GLU A 17 39.47 25.28 -7.36
CA GLU A 17 38.78 25.70 -6.15
C GLU A 17 38.33 24.54 -5.29
N ARG A 18 37.83 24.91 -4.11
CA ARG A 18 37.28 23.93 -3.19
C ARG A 18 35.80 23.75 -3.41
N ALA A 19 35.39 22.49 -3.48
CA ALA A 19 33.96 22.23 -3.58
C ALA A 19 33.48 21.66 -2.26
N THR A 20 32.34 22.17 -1.78
CA THR A 20 31.73 21.73 -0.53
C THR A 20 30.26 21.43 -0.82
N LEU A 21 29.93 20.15 -0.91
CA LEU A 21 28.57 19.72 -1.21
C LEU A 21 27.89 19.20 0.04
N THR A 22 26.64 19.59 0.23
CA THR A 22 25.87 19.26 1.41
C THR A 22 24.82 18.21 1.11
N CYS A 23 24.49 17.45 2.14
CA CYS A 23 23.42 16.46 2.08
C CYS A 23 22.75 16.44 3.44
N ARG A 24 21.47 16.77 3.49
CA ARG A 24 20.72 16.82 4.73
C ARG A 24 19.67 15.72 4.73
N ALA A 25 19.59 14.98 5.84
CA ALA A 25 18.62 13.90 6.00
C ALA A 25 17.44 14.39 6.84
N SER A 26 16.22 13.99 6.44
CA SER A 26 15.02 14.38 7.17
C SER A 26 14.95 13.75 8.56
N GLN A 27 15.69 12.68 8.80
CA GLN A 27 15.82 12.10 10.12
C GLN A 27 17.15 11.37 10.17
N SER A 28 17.64 11.14 11.38
CA SER A 28 19.03 10.70 11.56
C SER A 28 19.31 9.35 10.88
N VAL A 29 20.47 9.28 10.22
CA VAL A 29 21.05 8.07 9.66
C VAL A 29 22.44 7.78 10.25
N TYR A 30 22.81 8.47 11.34
CA TYR A 30 24.07 8.24 12.00
C TYR A 30 25.23 8.43 11.03
N THR A 31 25.95 7.35 10.74
CA THR A 31 27.11 7.38 9.85
C THR A 31 26.88 6.59 8.56
N TYR A 32 25.64 6.18 8.30
CA TYR A 32 25.34 5.24 7.21
C TYR A 32 24.88 6.00 5.97
N LEU A 33 25.83 6.73 5.40
CA LEU A 33 25.63 7.64 4.28
C LEU A 33 26.78 7.45 3.30
N ALA A 34 26.46 7.25 2.03
CA ALA A 34 27.45 7.07 0.98
C ALA A 34 27.35 8.22 -0.01
N TRP A 35 28.44 8.46 -0.74
CA TRP A 35 28.49 9.45 -1.81
C TRP A 35 28.91 8.76 -3.10
N TYR A 36 28.19 9.06 -4.20
CA TYR A 36 28.50 8.53 -5.51
C TYR A 36 28.82 9.67 -6.47
N GLN A 37 29.71 9.41 -7.42
CA GLN A 37 30.05 10.35 -8.47
C GLN A 37 29.50 9.87 -9.80
N GLU A 38 28.95 10.80 -10.58
CA GLU A 38 28.45 10.45 -11.91
C GLU A 38 28.98 11.44 -12.93
N LYS A 39 30.05 11.06 -13.62
CA LYS A 39 30.55 11.86 -14.72
C LYS A 39 29.60 11.71 -15.91
N PRO A 40 29.57 12.72 -16.79
CA PRO A 40 28.56 12.74 -17.87
C PRO A 40 28.63 11.51 -18.77
N GLY A 41 27.54 10.76 -18.81
CA GLY A 41 27.42 9.59 -19.65
C GLY A 41 27.93 8.29 -19.05
N GLN A 42 28.58 8.33 -17.89
CA GLN A 42 29.15 7.15 -17.28
C GLN A 42 28.26 6.64 -16.15
N ALA A 43 28.49 5.39 -15.76
CA ALA A 43 27.78 4.84 -14.63
C ALA A 43 28.27 5.51 -13.35
N PRO A 44 27.44 5.57 -12.31
CA PRO A 44 27.91 6.06 -11.02
C PRO A 44 29.02 5.19 -10.48
N ARG A 45 29.82 5.78 -9.58
CA ARG A 45 30.86 5.06 -8.89
C ARG A 45 30.94 5.56 -7.45
N LEU A 46 31.27 4.64 -6.54
CA LEU A 46 31.32 4.97 -5.12
C LEU A 46 32.56 5.79 -4.81
N LEU A 47 32.37 6.87 -4.06
CA LEU A 47 33.49 7.67 -3.57
C LEU A 47 33.70 7.47 -2.07
N ILE A 48 32.64 7.60 -1.30
CA ILE A 48 32.68 7.67 0.15
C ILE A 48 31.61 6.74 0.69
N TYR A 49 31.97 5.93 1.68
CA TYR A 49 31.00 5.14 2.43
C TYR A 49 31.20 5.38 3.91
N GLY A 50 30.18 5.07 4.70
CA GLY A 50 30.26 5.30 6.12
C GLY A 50 30.52 6.75 6.46
N ALA A 51 30.01 7.68 5.64
CA ALA A 51 30.11 9.13 5.78
C ALA A 51 31.53 9.65 5.57
N SER A 52 32.56 8.90 5.97
CA SER A 52 33.92 9.41 5.96
C SER A 52 34.96 8.45 5.37
N SER A 53 34.58 7.25 4.97
CA SER A 53 35.57 6.30 4.48
C SER A 53 35.72 6.43 2.97
N ARG A 54 36.96 6.60 2.51
CA ARG A 54 37.23 6.71 1.09
C ARG A 54 37.26 5.31 0.47
N ALA A 55 36.57 5.15 -0.65
CA ALA A 55 36.56 3.85 -1.30
C ALA A 55 37.92 3.55 -1.93
N THR A 56 38.14 2.27 -2.21
CA THR A 56 39.41 1.84 -2.80
C THR A 56 39.57 2.42 -4.20
N GLY A 57 40.72 3.07 -4.43
CA GLY A 57 41.03 3.65 -5.72
C GLY A 57 40.48 5.04 -5.96
N ILE A 58 39.90 5.68 -4.94
CA ILE A 58 39.32 7.01 -5.08
C ILE A 58 40.38 8.03 -4.71
N PRO A 59 40.58 9.07 -5.52
CA PRO A 59 41.65 10.03 -5.23
C PRO A 59 41.49 10.68 -3.87
N ASP A 60 42.62 11.17 -3.34
CA ASP A 60 42.67 11.69 -1.98
C ASP A 60 41.94 13.02 -1.80
N ARG A 61 41.78 13.80 -2.88
CA ARG A 61 41.12 15.10 -2.75
C ARG A 61 39.65 14.96 -2.33
N PHE A 62 39.06 13.78 -2.50
CA PHE A 62 37.72 13.52 -1.99
C PHE A 62 37.76 13.17 -0.51
N SER A 63 36.90 13.82 0.27
CA SER A 63 36.77 13.50 1.68
C SER A 63 35.33 13.74 2.11
N GLY A 64 34.86 12.91 3.04
CA GLY A 64 33.51 13.02 3.54
C GLY A 64 33.52 13.23 5.05
N SER A 65 32.49 13.90 5.55
CA SER A 65 32.37 14.18 6.97
C SER A 65 30.90 14.39 7.30
N GLY A 66 30.64 14.52 8.60
CA GLY A 66 29.29 14.73 9.10
C GLY A 66 28.71 13.47 9.71
N SER A 67 27.57 13.66 10.37
CA SER A 67 26.89 12.54 11.02
C SER A 67 25.48 12.99 11.37
N GLY A 68 24.62 12.01 11.63
CA GLY A 68 23.26 12.31 12.00
C GLY A 68 22.43 12.72 10.80
N THR A 69 22.21 14.03 10.66
CA THR A 69 21.35 14.60 9.63
C THR A 69 22.04 15.59 8.71
N GLU A 70 23.35 15.81 8.85
CA GLU A 70 24.08 16.82 8.09
C GLU A 70 25.39 16.21 7.63
N PHE A 71 25.60 16.19 6.31
CA PHE A 71 26.79 15.56 5.75
C PHE A 71 27.40 16.47 4.69
N THR A 72 28.69 16.26 4.47
CA THR A 72 29.46 17.12 3.59
C THR A 72 30.46 16.28 2.82
N LEU A 73 30.45 16.45 1.51
CA LEU A 73 31.48 15.91 0.63
C LEU A 73 32.35 17.06 0.17
N THR A 74 33.66 16.95 0.38
CA THR A 74 34.58 18.04 0.05
C THR A 74 35.56 17.55 -1.00
N ILE A 75 35.80 18.41 -2.00
CA ILE A 75 36.85 18.20 -2.99
C ILE A 75 37.85 19.35 -2.85
N SER A 76 39.08 19.01 -2.46
CA SER A 76 40.04 20.02 -2.04
C SER A 76 40.48 20.92 -3.19
N SER A 77 40.69 20.32 -4.37
CA SER A 77 41.08 21.08 -5.56
C SER A 77 40.41 20.42 -6.75
N LEU A 78 39.50 21.15 -7.40
CA LEU A 78 38.74 20.58 -8.50
C LEU A 78 39.63 20.39 -9.72
N GLN A 79 39.69 19.16 -10.22
CA GLN A 79 40.31 18.86 -11.50
C GLN A 79 39.24 18.87 -12.58
N SER A 80 39.67 18.72 -13.83
CA SER A 80 38.73 18.80 -14.95
C SER A 80 37.69 17.67 -14.86
N GLU A 81 38.13 16.47 -14.49
CA GLU A 81 37.24 15.32 -14.43
C GLU A 81 36.29 15.37 -13.24
N ASP A 82 36.41 16.36 -12.36
CA ASP A 82 35.54 16.43 -11.18
C ASP A 82 34.24 17.20 -11.42
N PHE A 83 34.08 17.86 -12.56
CA PHE A 83 32.82 18.54 -12.85
C PHE A 83 31.83 17.50 -13.30
N ALA A 84 30.93 17.12 -12.41
CA ALA A 84 30.05 15.97 -12.57
C ALA A 84 28.87 16.13 -11.61
N VAL A 85 28.04 15.10 -11.51
CA VAL A 85 26.92 15.09 -10.56
C VAL A 85 27.26 14.16 -9.41
N TYR A 86 26.93 14.59 -8.19
CA TYR A 86 27.20 13.85 -6.96
C TYR A 86 25.92 13.56 -6.20
N TYR A 87 25.71 12.30 -5.84
CA TYR A 87 24.53 11.87 -5.12
C TYR A 87 24.92 11.31 -3.77
N CYS A 88 24.14 11.64 -2.75
CA CYS A 88 24.29 10.97 -1.47
C CYS A 88 23.19 9.91 -1.34
N GLN A 89 23.47 8.88 -0.55
CA GLN A 89 22.57 7.73 -0.38
C GLN A 89 22.66 7.24 1.06
N GLN A 90 21.50 7.05 1.70
CA GLN A 90 21.49 6.56 3.08
C GLN A 90 21.06 5.10 3.09
N TYR A 91 21.65 4.34 4.02
CA TYR A 91 21.31 2.93 4.14
C TYR A 91 21.05 2.54 5.60
N TYR A 92 20.67 3.49 6.44
CA TYR A 92 20.23 3.18 7.80
C TYR A 92 18.78 2.73 7.81
N ASP A 93 17.94 3.49 7.12
CA ASP A 93 16.49 3.27 7.12
C ASP A 93 16.15 2.62 5.78
N ARG A 94 15.77 1.34 5.83
CA ARG A 94 15.53 0.58 4.62
C ARG A 94 14.67 -0.61 4.98
N PRO A 95 13.82 -1.09 4.06
CA PRO A 95 13.59 -0.44 2.75
C PRO A 95 12.66 0.76 2.90
N PRO A 96 12.68 1.71 1.95
CA PRO A 96 13.56 1.71 0.79
C PRO A 96 14.87 2.39 1.04
N LEU A 97 15.88 2.01 0.28
CA LEU A 97 17.10 2.80 0.20
C LEU A 97 16.80 4.06 -0.60
N THR A 98 17.27 5.20 -0.11
CA THR A 98 16.94 6.49 -0.71
C THR A 98 18.20 7.27 -1.08
N PHE A 99 18.09 8.01 -2.18
CA PHE A 99 19.15 8.88 -2.70
C PHE A 99 18.77 10.34 -2.56
N GLY A 100 19.79 11.18 -2.47
CA GLY A 100 19.57 12.60 -2.64
C GLY A 100 19.26 12.92 -4.09
N GLY A 101 18.85 14.17 -4.32
CA GLY A 101 18.49 14.61 -5.67
C GLY A 101 19.66 14.90 -6.59
N GLY A 102 20.86 15.03 -6.05
CA GLY A 102 22.03 15.29 -6.86
C GLY A 102 22.43 16.75 -6.94
N THR A 103 23.74 17.00 -6.85
CA THR A 103 24.32 18.32 -7.05
C THR A 103 25.28 18.25 -8.23
N LYS A 104 25.10 19.14 -9.20
CA LYS A 104 25.99 19.17 -10.34
C LYS A 104 26.98 20.29 -10.16
N VAL A 105 28.26 19.98 -10.35
CA VAL A 105 29.33 20.95 -10.19
C VAL A 105 29.70 21.46 -11.58
N GLU A 106 29.43 22.73 -11.83
CA GLU A 106 29.65 23.30 -13.15
C GLU A 106 30.85 24.24 -13.10
N ILE A 107 31.51 24.37 -14.25
CA ILE A 107 32.72 25.20 -14.39
C ILE A 107 32.35 26.67 -14.42
N LYS A 108 32.96 27.44 -13.51
CA LYS A 108 32.78 28.90 -13.49
C LYS A 108 33.70 29.58 -14.51
N ARG A 109 33.18 30.60 -15.19
CA ARG A 109 33.98 31.39 -16.12
C ARG A 109 33.38 32.79 -16.17
N THR A 110 34.00 33.67 -16.96
CA THR A 110 33.48 35.02 -17.06
C THR A 110 32.21 35.06 -17.89
N VAL A 111 31.47 36.15 -17.75
CA VAL A 111 30.20 36.33 -18.43
C VAL A 111 30.43 36.42 -19.94
N ALA A 112 29.59 35.74 -20.71
CA ALA A 112 29.68 35.71 -22.17
C ALA A 112 28.31 35.98 -22.76
N ALA A 113 28.20 37.04 -23.55
CA ALA A 113 26.91 37.38 -24.14
C ALA A 113 26.60 36.39 -25.25
N PRO A 114 25.34 36.02 -25.42
CA PRO A 114 24.99 35.15 -26.54
C PRO A 114 24.96 35.94 -27.83
N SER A 115 25.34 35.25 -28.92
CA SER A 115 25.03 35.70 -30.27
C SER A 115 23.71 35.07 -30.69
N VAL A 116 22.79 35.91 -31.17
CA VAL A 116 21.39 35.54 -31.38
C VAL A 116 21.10 35.51 -32.88
N PHE A 117 20.43 34.45 -33.33
CA PHE A 117 20.02 34.27 -34.72
C PHE A 117 18.60 33.74 -34.74
N ILE A 118 17.87 34.08 -35.80
CA ILE A 118 16.52 33.58 -36.03
C ILE A 118 16.45 32.95 -37.42
N PHE A 119 15.65 31.88 -37.54
CA PHE A 119 15.48 31.13 -38.78
C PHE A 119 14.01 30.95 -39.06
N PRO A 120 13.47 31.47 -40.17
CA PRO A 120 12.08 31.16 -40.55
C PRO A 120 11.92 29.72 -40.99
N PRO A 121 10.70 29.19 -40.97
CA PRO A 121 10.48 27.84 -41.50
C PRO A 121 10.78 27.79 -42.99
N SER A 122 11.36 26.67 -43.42
CA SER A 122 11.70 26.50 -44.81
C SER A 122 10.46 26.25 -45.65
N ASP A 123 10.56 26.55 -46.96
CA ASP A 123 9.42 26.29 -47.85
C ASP A 123 9.10 24.80 -47.91
N GLU A 124 10.11 23.94 -47.79
CA GLU A 124 9.84 22.51 -47.81
C GLU A 124 8.96 22.09 -46.63
N GLN A 125 9.19 22.66 -45.44
CA GLN A 125 8.36 22.32 -44.30
C GLN A 125 6.96 22.90 -44.44
N LEU A 126 6.85 24.12 -44.95
CA LEU A 126 5.52 24.69 -45.15
C LEU A 126 4.71 23.87 -46.13
N LYS A 127 5.38 23.20 -47.08
CA LYS A 127 4.67 22.33 -48.01
C LYS A 127 4.10 21.09 -47.34
N SER A 128 4.41 20.83 -46.06
CA SER A 128 3.88 19.66 -45.35
C SER A 128 2.90 20.03 -44.23
N GLY A 129 2.51 21.30 -44.12
CA GLY A 129 1.46 21.71 -43.20
C GLY A 129 1.90 22.15 -41.82
N THR A 130 3.19 22.34 -41.59
CA THR A 130 3.66 22.75 -40.27
C THR A 130 4.77 23.80 -40.42
N ALA A 131 4.95 24.59 -39.37
CA ALA A 131 5.90 25.70 -39.39
C ALA A 131 6.67 25.73 -38.07
N SER A 132 7.99 25.63 -38.16
CA SER A 132 8.88 25.66 -37.01
C SER A 132 9.75 26.91 -37.14
N VAL A 133 9.75 27.76 -36.12
CA VAL A 133 10.61 28.93 -36.10
C VAL A 133 11.68 28.71 -35.04
N VAL A 134 12.95 28.84 -35.42
CA VAL A 134 14.06 28.52 -34.54
C VAL A 134 14.78 29.79 -34.14
N CYS A 135 15.00 29.95 -32.83
CA CYS A 135 15.81 31.01 -32.28
C CYS A 135 17.03 30.38 -31.60
N LEU A 136 18.21 30.77 -32.06
CA LEU A 136 19.48 30.23 -31.61
C LEU A 136 20.21 31.27 -30.77
N LEU A 137 20.71 30.86 -29.61
CA LEU A 137 21.57 31.64 -28.73
C LEU A 137 22.90 30.91 -28.61
N ASN A 138 23.98 31.52 -29.08
CA ASN A 138 25.24 30.83 -29.26
C ASN A 138 26.31 31.28 -28.28
N ASN A 139 26.92 30.33 -27.57
CA ASN A 139 28.16 30.51 -26.81
C ASN A 139 28.02 31.59 -25.74
N PHE A 140 27.10 31.37 -24.80
CA PHE A 140 26.90 32.33 -23.73
C PHE A 140 27.18 31.69 -22.37
N TYR A 141 27.38 32.55 -21.37
CA TYR A 141 27.59 32.15 -20.00
C TYR A 141 27.19 33.34 -19.14
N PRO A 142 26.46 33.14 -18.02
CA PRO A 142 26.00 31.85 -17.50
C PRO A 142 24.76 31.32 -18.21
N ARG A 143 24.24 30.21 -17.70
CA ARG A 143 23.16 29.48 -18.37
C ARG A 143 21.85 30.24 -18.39
N GLU A 144 21.59 31.09 -17.41
CA GLU A 144 20.27 31.69 -17.25
C GLU A 144 19.99 32.69 -18.38
N ALA A 145 18.93 32.46 -19.13
CA ALA A 145 18.58 33.38 -20.21
C ALA A 145 17.08 33.36 -20.41
N LYS A 146 16.50 34.51 -20.70
CA LYS A 146 15.07 34.60 -20.97
C LYS A 146 14.88 34.78 -22.48
N VAL A 147 14.17 33.84 -23.09
CA VAL A 147 13.90 33.86 -24.52
C VAL A 147 12.39 34.00 -24.70
N GLN A 148 11.98 35.02 -25.42
CA GLN A 148 10.59 35.45 -25.48
C GLN A 148 10.15 35.54 -26.94
N TRP A 149 9.05 34.86 -27.28
CA TRP A 149 8.54 34.81 -28.64
C TRP A 149 7.36 35.76 -28.77
N LYS A 150 7.43 36.68 -29.73
CA LYS A 150 6.29 37.54 -30.06
C LYS A 150 5.93 37.39 -31.53
N VAL A 151 4.63 37.24 -31.81
CA VAL A 151 4.12 37.14 -33.18
C VAL A 151 3.06 38.23 -33.35
N ASP A 152 3.38 39.24 -34.16
CA ASP A 152 2.54 40.44 -34.30
C ASP A 152 2.26 41.07 -32.94
N ASN A 153 3.28 41.06 -32.08
CA ASN A 153 3.28 41.63 -30.73
C ASN A 153 2.55 40.76 -29.72
N ALA A 154 1.95 39.64 -30.12
CA ALA A 154 1.32 38.78 -29.15
C ALA A 154 2.38 37.83 -28.58
N LEU A 155 2.41 37.69 -27.26
CA LEU A 155 3.42 36.84 -26.64
C LEU A 155 2.93 35.41 -26.64
N GLN A 156 3.86 34.49 -26.85
CA GLN A 156 3.54 33.11 -27.17
C GLN A 156 3.85 32.23 -25.97
N SER A 157 2.82 31.57 -25.46
CA SER A 157 2.95 30.67 -24.32
C SER A 157 2.42 29.29 -24.71
N GLY A 158 3.18 28.25 -24.37
CA GLY A 158 2.78 26.87 -24.57
C GLY A 158 3.09 26.26 -25.92
N ASN A 159 3.70 27.01 -26.86
CA ASN A 159 4.00 26.44 -28.16
C ASN A 159 5.47 26.54 -28.53
N SER A 160 6.37 26.67 -27.54
CA SER A 160 7.81 26.69 -27.76
C SER A 160 8.52 25.75 -26.80
N GLN A 161 9.70 25.29 -27.21
CA GLN A 161 10.52 24.38 -26.44
C GLN A 161 11.97 24.82 -26.55
N GLU A 162 12.67 24.84 -25.43
CA GLU A 162 14.09 25.17 -25.39
C GLU A 162 14.91 23.90 -25.27
N SER A 163 16.11 23.94 -25.81
CA SER A 163 17.09 22.86 -25.65
C SER A 163 18.47 23.48 -25.47
N VAL A 164 19.23 22.99 -24.49
CA VAL A 164 20.52 23.56 -24.12
C VAL A 164 21.59 22.48 -24.18
N THR A 165 22.73 22.82 -24.77
CA THR A 165 23.89 21.94 -24.78
C THR A 165 24.59 21.97 -23.42
N GLU A 166 25.43 20.97 -23.20
CA GLU A 166 26.33 20.97 -22.06
C GLU A 166 27.45 21.99 -22.29
N GLN A 167 28.15 22.31 -21.21
CA GLN A 167 29.27 23.25 -21.31
C GLN A 167 30.27 22.78 -22.35
N ASP A 168 30.64 23.68 -23.26
CA ASP A 168 31.56 23.34 -24.33
C ASP A 168 32.91 22.90 -23.76
N SER A 169 33.52 21.90 -24.38
CA SER A 169 34.77 21.38 -23.87
C SER A 169 35.89 22.42 -23.98
N LYS A 170 35.79 23.36 -24.91
CA LYS A 170 36.86 24.33 -25.09
C LYS A 170 36.64 25.56 -24.21
N ASP A 171 35.51 26.25 -24.38
CA ASP A 171 35.32 27.55 -23.75
C ASP A 171 34.29 27.54 -22.62
N SER A 172 33.75 26.38 -22.27
CA SER A 172 32.84 26.22 -21.13
C SER A 172 31.54 27.03 -21.29
N THR A 173 31.17 27.45 -22.50
CA THR A 173 29.93 28.17 -22.69
C THR A 173 28.78 27.23 -22.97
N TYR A 174 27.56 27.80 -22.97
CA TYR A 174 26.34 27.12 -23.36
C TYR A 174 25.83 27.66 -24.70
N SER A 175 25.03 26.85 -25.36
CA SER A 175 24.25 27.27 -26.52
C SER A 175 22.83 26.76 -26.33
N LEU A 176 21.87 27.49 -26.86
CA LEU A 176 20.46 27.22 -26.64
C LEU A 176 19.66 27.41 -27.93
N SER A 177 18.68 26.56 -28.14
CA SER A 177 17.74 26.71 -29.24
C SER A 177 16.34 26.84 -28.66
N SER A 178 15.57 27.79 -29.16
CA SER A 178 14.15 27.89 -28.84
C SER A 178 13.37 27.69 -30.12
N THR A 179 12.45 26.74 -30.11
CA THR A 179 11.73 26.36 -31.32
C THR A 179 10.24 26.62 -31.14
N LEU A 180 9.72 27.54 -31.94
CA LEU A 180 8.29 27.85 -31.97
C LEU A 180 7.61 27.01 -33.04
N THR A 181 6.63 26.20 -32.63
CA THR A 181 5.92 25.29 -33.53
C THR A 181 4.48 25.77 -33.74
N LEU A 182 4.13 26.04 -34.99
CA LEU A 182 2.80 26.47 -35.37
C LEU A 182 2.25 25.60 -36.51
N SER A 183 0.93 25.53 -36.60
CA SER A 183 0.33 24.97 -37.80
C SER A 183 0.56 25.93 -38.97
N LYS A 184 0.53 25.38 -40.19
CA LYS A 184 0.73 26.20 -41.36
C LYS A 184 -0.34 27.30 -41.44
N ALA A 185 -1.58 26.98 -41.07
CA ALA A 185 -2.64 27.98 -41.06
C ALA A 185 -2.32 29.12 -40.10
N ASP A 186 -2.00 28.79 -38.85
CA ASP A 186 -1.71 29.83 -37.86
C ASP A 186 -0.51 30.68 -38.26
N TYR A 187 0.49 30.06 -38.89
CA TYR A 187 1.69 30.79 -39.26
C TYR A 187 1.41 31.83 -40.32
N GLU A 188 0.48 31.57 -41.23
CA GLU A 188 0.20 32.53 -42.30
C GLU A 188 -0.77 33.63 -41.88
N LYS A 189 -1.39 33.52 -40.70
CA LYS A 189 -2.27 34.58 -40.19
C LYS A 189 -1.50 35.80 -39.68
N HIS A 190 -0.17 35.72 -39.55
CA HIS A 190 0.61 36.78 -38.93
C HIS A 190 1.80 37.12 -39.81
N LYS A 191 2.38 38.30 -39.57
CA LYS A 191 3.47 38.81 -40.38
C LYS A 191 4.81 38.83 -39.67
N VAL A 192 4.88 39.39 -38.46
CA VAL A 192 6.15 39.65 -37.78
C VAL A 192 6.40 38.59 -36.71
N TYR A 193 7.50 37.86 -36.87
CA TYR A 193 7.92 36.85 -35.89
C TYR A 193 9.23 37.31 -35.28
N ALA A 194 9.26 37.45 -33.96
CA ALA A 194 10.42 37.98 -33.26
C ALA A 194 10.76 37.12 -32.05
N CYS A 195 12.06 36.98 -31.83
CA CYS A 195 12.60 36.33 -30.65
C CYS A 195 13.40 37.39 -29.89
N GLU A 196 13.02 37.64 -28.64
CA GLU A 196 13.72 38.62 -27.80
C GLU A 196 14.49 37.91 -26.67
N VAL A 197 15.76 38.27 -26.53
CA VAL A 197 16.66 37.58 -25.62
C VAL A 197 17.17 38.56 -24.57
N THR A 198 16.97 38.22 -23.29
CA THR A 198 17.52 38.95 -22.17
C THR A 198 18.57 38.08 -21.50
N HIS A 199 19.77 38.62 -21.36
CA HIS A 199 20.88 37.90 -20.74
C HIS A 199 21.79 38.91 -20.07
N GLN A 200 22.41 38.46 -18.98
CA GLN A 200 23.29 39.29 -18.16
C GLN A 200 24.42 39.90 -18.99
N GLY A 201 24.93 39.16 -19.97
CA GLY A 201 26.03 39.68 -20.77
C GLY A 201 25.63 40.74 -21.78
N LEU A 202 24.34 40.99 -21.96
CA LEU A 202 23.85 41.99 -22.91
C LEU A 202 23.55 43.27 -22.16
N SER A 203 24.07 44.40 -22.65
CA SER A 203 23.73 45.68 -22.05
C SER A 203 22.28 46.06 -22.33
N SER A 204 21.65 45.42 -23.29
CA SER A 204 20.25 45.65 -23.62
C SER A 204 19.72 44.38 -24.25
N PRO A 205 18.46 44.05 -24.03
CA PRO A 205 17.89 42.87 -24.69
C PRO A 205 18.03 42.95 -26.20
N VAL A 206 18.36 41.82 -26.80
CA VAL A 206 18.60 41.70 -28.24
C VAL A 206 17.41 41.02 -28.86
N THR A 207 16.90 41.58 -29.94
CA THR A 207 15.75 41.04 -30.65
C THR A 207 16.15 40.73 -32.08
N LYS A 208 15.79 39.54 -32.53
CA LYS A 208 15.89 39.17 -33.94
C LYS A 208 14.49 38.86 -34.45
N SER A 209 14.15 39.36 -35.64
CA SER A 209 12.82 39.17 -36.19
C SER A 209 12.90 39.06 -37.71
N PHE A 210 11.79 38.62 -38.32
CA PHE A 210 11.64 38.58 -39.76
C PHE A 210 10.19 38.79 -40.11
N ASN A 211 9.95 39.33 -41.32
CA ASN A 211 8.60 39.41 -41.87
C ASN A 211 8.36 38.20 -42.77
N ARG A 212 7.26 37.49 -42.53
CA ARG A 212 6.94 36.31 -43.33
C ARG A 212 6.98 36.65 -44.80
N GLY A 213 7.67 35.83 -45.58
CA GLY A 213 7.79 36.05 -47.01
C GLY A 213 8.90 37.00 -47.40
N GLU A 214 9.82 37.32 -46.49
CA GLU A 214 11.01 38.15 -46.73
C GLU A 214 10.62 39.54 -47.19
N ASP B 1 39.24 -7.44 -13.45
CA ASP B 1 38.66 -6.98 -12.19
C ASP B 1 37.16 -7.33 -12.10
N VAL B 2 36.44 -6.63 -11.23
CA VAL B 2 35.00 -6.81 -11.13
C VAL B 2 34.34 -6.25 -12.38
N GLN B 3 33.42 -7.01 -12.97
CA GLN B 3 32.75 -6.59 -14.18
C GLN B 3 31.27 -6.95 -14.10
N LEU B 4 30.41 -6.04 -14.58
CA LEU B 4 28.97 -6.26 -14.62
C LEU B 4 28.48 -5.75 -15.97
N VAL B 5 28.02 -6.67 -16.82
CA VAL B 5 27.59 -6.33 -18.18
C VAL B 5 26.09 -6.51 -18.28
N GLU B 6 25.40 -5.45 -18.64
CA GLU B 6 23.95 -5.44 -18.73
C GLU B 6 23.50 -5.51 -20.17
N SER B 7 22.26 -5.95 -20.36
CA SER B 7 21.71 -6.13 -21.68
C SER B 7 20.20 -6.31 -21.53
N GLY B 8 19.51 -6.26 -22.66
CA GLY B 8 18.09 -6.50 -22.71
C GLY B 8 17.24 -5.27 -22.89
N GLY B 9 17.79 -4.09 -22.63
CA GLY B 9 17.01 -2.88 -22.75
C GLY B 9 16.65 -2.59 -24.20
N GLY B 10 15.54 -1.85 -24.37
CA GLY B 10 15.09 -1.48 -25.68
C GLY B 10 13.85 -0.61 -25.60
N VAL B 11 13.17 -0.47 -26.74
CA VAL B 11 11.93 0.29 -26.84
C VAL B 11 10.79 -0.70 -26.81
N VAL B 12 9.83 -0.49 -25.90
CA VAL B 12 8.63 -1.31 -25.81
C VAL B 12 7.44 -0.39 -25.61
N ARG B 13 6.26 -0.94 -25.83
CA ARG B 13 5.01 -0.21 -25.69
C ARG B 13 4.50 -0.32 -24.26
N PRO B 14 3.61 0.57 -23.85
CA PRO B 14 3.00 0.45 -22.52
C PRO B 14 2.25 -0.87 -22.40
N GLY B 15 2.38 -1.51 -21.24
CA GLY B 15 1.74 -2.77 -20.97
C GLY B 15 2.53 -3.99 -21.37
N GLU B 16 3.65 -3.82 -22.05
CA GLU B 16 4.43 -4.94 -22.54
C GLU B 16 5.51 -5.28 -21.53
N SER B 17 6.40 -6.19 -21.90
CA SER B 17 7.32 -6.80 -20.96
C SER B 17 8.72 -6.75 -21.50
N LEU B 18 9.69 -6.77 -20.57
CA LEU B 18 11.09 -6.76 -20.93
C LEU B 18 11.83 -7.59 -19.89
N ARG B 19 13.03 -8.00 -20.25
CA ARG B 19 13.85 -8.77 -19.32
C ARG B 19 15.27 -8.25 -19.42
N LEU B 20 15.82 -7.83 -18.28
CA LEU B 20 17.18 -7.33 -18.24
C LEU B 20 18.09 -8.38 -17.61
N SER B 21 19.33 -8.41 -18.07
CA SER B 21 20.33 -9.34 -17.57
C SER B 21 21.57 -8.56 -17.16
N CYS B 22 22.22 -9.00 -16.08
CA CYS B 22 23.47 -8.40 -15.61
C CYS B 22 24.46 -9.55 -15.39
N ALA B 23 25.36 -9.76 -16.35
CA ALA B 23 26.33 -10.85 -16.27
C ALA B 23 27.56 -10.36 -15.51
N ALA B 24 27.92 -11.08 -14.45
CA ALA B 24 29.00 -10.71 -13.56
C ALA B 24 30.23 -11.56 -13.80
N SER B 25 31.39 -11.02 -13.39
CA SER B 25 32.65 -11.73 -13.49
C SER B 25 33.68 -11.02 -12.60
N GLY B 26 34.68 -11.78 -12.15
CA GLY B 26 35.71 -11.23 -11.30
C GLY B 26 35.43 -11.25 -9.82
N PHE B 27 34.35 -11.91 -9.38
CA PHE B 27 34.04 -12.07 -7.97
C PHE B 27 33.07 -13.24 -7.82
N THR B 28 32.93 -13.70 -6.57
CA THR B 28 32.03 -14.82 -6.26
C THR B 28 30.60 -14.31 -6.28
N PHE B 29 29.91 -14.53 -7.40
CA PHE B 29 28.58 -13.98 -7.59
C PHE B 29 27.61 -14.45 -6.51
N SER B 30 27.80 -15.67 -6.01
CA SER B 30 26.78 -16.27 -5.13
C SER B 30 26.70 -15.62 -3.76
N SER B 31 27.76 -14.95 -3.30
CA SER B 31 27.81 -14.46 -1.93
C SER B 31 27.58 -12.95 -1.81
N TYR B 32 27.02 -12.32 -2.84
CA TYR B 32 26.79 -10.87 -2.80
C TYR B 32 25.34 -10.55 -3.09
N ASP B 33 24.79 -9.59 -2.37
CA ASP B 33 23.47 -9.07 -2.69
C ASP B 33 23.58 -8.17 -3.92
N MET B 34 22.58 -8.26 -4.80
CA MET B 34 22.57 -7.50 -6.04
C MET B 34 21.33 -6.62 -6.09
N ASN B 35 21.50 -5.44 -6.72
CA ASN B 35 20.45 -4.44 -6.78
C ASN B 35 20.26 -3.94 -8.20
N TRP B 36 19.05 -3.47 -8.48
CA TRP B 36 18.74 -2.71 -9.68
C TRP B 36 18.45 -1.27 -9.27
N VAL B 37 19.12 -0.34 -9.94
CA VAL B 37 18.95 1.10 -9.74
C VAL B 37 18.68 1.73 -11.10
N ARG B 38 17.72 2.64 -11.16
CA ARG B 38 17.36 3.30 -12.41
C ARG B 38 17.49 4.81 -12.31
N GLN B 39 17.60 5.44 -13.48
CA GLN B 39 17.73 6.90 -13.56
C GLN B 39 16.92 7.38 -14.77
N ALA B 40 15.76 7.97 -14.52
CA ALA B 40 14.97 8.54 -15.60
C ALA B 40 15.73 9.69 -16.26
N PRO B 41 15.47 9.96 -17.54
CA PRO B 41 16.23 11.00 -18.25
C PRO B 41 16.09 12.35 -17.58
N GLY B 42 17.23 12.95 -17.24
CA GLY B 42 17.24 14.23 -16.54
C GLY B 42 16.98 14.17 -15.06
N GLU B 43 16.69 13.00 -14.50
CA GLU B 43 16.38 12.89 -13.09
C GLU B 43 17.53 12.20 -12.34
N GLY B 44 17.30 11.91 -11.06
CA GLY B 44 18.30 11.36 -10.19
C GLY B 44 18.22 9.85 -10.11
N LEU B 45 19.09 9.31 -9.27
CA LEU B 45 19.16 7.87 -9.05
C LEU B 45 18.00 7.40 -8.17
N GLU B 46 17.42 6.25 -8.51
CA GLU B 46 16.28 5.68 -7.79
C GLU B 46 16.46 4.18 -7.62
N TRP B 47 16.34 3.70 -6.37
CA TRP B 47 16.49 2.28 -6.10
C TRP B 47 15.25 1.51 -6.59
N VAL B 48 15.48 0.36 -7.23
CA VAL B 48 14.40 -0.45 -7.80
C VAL B 48 14.18 -1.74 -7.00
N SER B 49 15.21 -2.55 -6.82
CA SER B 49 15.02 -3.86 -6.23
C SER B 49 16.35 -4.42 -5.76
N LEU B 50 16.28 -5.43 -4.89
CA LEU B 50 17.48 -6.09 -4.38
C LEU B 50 17.17 -7.56 -4.13
N ILE B 51 18.18 -8.39 -4.27
CA ILE B 51 18.05 -9.83 -4.02
C ILE B 51 19.29 -10.32 -3.29
N SER B 52 19.09 -11.06 -2.21
CA SER B 52 20.22 -11.55 -1.42
C SER B 52 21.08 -12.54 -2.22
N GLY B 53 22.28 -12.78 -1.70
CA GLY B 53 23.17 -13.74 -2.36
C GLY B 53 22.55 -15.11 -2.51
N SER B 54 21.79 -15.55 -1.49
CA SER B 54 21.11 -16.84 -1.52
C SER B 54 19.87 -16.82 -2.40
N GLY B 55 19.34 -15.65 -2.72
CA GLY B 55 18.18 -15.53 -3.57
C GLY B 55 16.82 -15.56 -2.89
N GLU B 56 16.77 -15.67 -1.56
CA GLU B 56 15.47 -15.76 -0.91
C GLU B 56 15.02 -14.47 -0.24
N ILE B 57 15.90 -13.52 0.02
CA ILE B 57 15.51 -12.23 0.59
C ILE B 57 15.39 -11.22 -0.56
N ILE B 58 14.19 -10.66 -0.72
CA ILE B 58 13.88 -9.82 -1.88
C ILE B 58 13.01 -8.65 -1.44
N TYR B 59 13.38 -7.43 -1.86
CA TYR B 59 12.59 -6.23 -1.66
C TYR B 59 12.45 -5.48 -2.99
N TYR B 60 11.35 -4.74 -3.11
CA TYR B 60 11.03 -3.93 -4.28
C TYR B 60 10.71 -2.52 -3.83
N ALA B 61 10.93 -1.55 -4.71
CA ALA B 61 10.40 -0.22 -4.47
C ALA B 61 8.88 -0.22 -4.68
N ASP B 62 8.19 0.70 -4.00
CA ASP B 62 6.73 0.73 -4.05
C ASP B 62 6.21 0.95 -5.47
N SER B 63 6.88 1.81 -6.25
CA SER B 63 6.43 2.18 -7.58
C SER B 63 6.48 1.04 -8.59
N VAL B 64 7.18 -0.05 -8.27
CA VAL B 64 7.30 -1.19 -9.17
C VAL B 64 6.77 -2.45 -8.52
N LYS B 65 6.28 -2.33 -7.29
CA LYS B 65 5.90 -3.48 -6.49
C LYS B 65 4.74 -4.19 -7.20
N GLY B 66 4.87 -5.51 -7.42
CA GLY B 66 3.83 -6.24 -8.11
C GLY B 66 3.93 -6.32 -9.63
N ARG B 67 4.86 -5.59 -10.25
CA ARG B 67 5.08 -5.65 -11.69
C ARG B 67 6.44 -6.20 -12.07
N PHE B 68 7.45 -5.89 -11.28
CA PHE B 68 8.81 -6.33 -11.53
C PHE B 68 9.11 -7.52 -10.64
N THR B 69 9.90 -8.47 -11.16
CA THR B 69 10.36 -9.61 -10.39
C THR B 69 11.85 -9.75 -10.62
N ILE B 70 12.61 -9.70 -9.54
CA ILE B 70 14.06 -9.85 -9.58
C ILE B 70 14.40 -11.30 -9.30
N SER B 71 15.51 -11.77 -9.86
CA SER B 71 15.99 -13.12 -9.60
C SER B 71 17.43 -13.20 -10.07
N ARG B 72 18.08 -14.31 -9.70
CA ARG B 72 19.46 -14.56 -10.07
C ARG B 72 19.64 -16.05 -10.37
N ASP B 73 20.70 -16.31 -11.13
CA ASP B 73 21.10 -17.66 -11.51
C ASP B 73 22.60 -17.78 -11.25
N ASN B 74 22.94 -18.31 -10.07
CA ASN B 74 24.35 -18.39 -9.70
C ASN B 74 25.11 -19.31 -10.64
N SER B 75 24.42 -20.27 -11.26
CA SER B 75 25.08 -21.17 -12.20
C SER B 75 25.59 -20.44 -13.43
N LYS B 76 24.94 -19.34 -13.81
CA LYS B 76 25.34 -18.54 -14.96
C LYS B 76 25.90 -17.16 -14.58
N ASN B 77 26.00 -16.85 -13.28
CA ASN B 77 26.57 -15.60 -12.80
C ASN B 77 25.87 -14.35 -13.37
N THR B 78 24.58 -14.49 -13.62
CA THR B 78 23.70 -13.43 -14.12
C THR B 78 22.50 -13.13 -13.22
N LEU B 79 22.28 -11.83 -13.06
CA LEU B 79 21.14 -11.23 -12.39
C LEU B 79 20.12 -10.82 -13.44
N TYR B 80 18.84 -11.01 -13.12
CA TYR B 80 17.76 -10.71 -14.03
C TYR B 80 16.79 -9.73 -13.40
N LEU B 81 16.15 -8.93 -14.24
CA LEU B 81 15.02 -8.12 -13.84
C LEU B 81 13.93 -8.35 -14.86
N GLN B 82 12.81 -8.91 -14.42
CA GLN B 82 11.67 -9.17 -15.28
C GLN B 82 10.68 -8.02 -15.08
N MET B 83 10.54 -7.18 -16.09
CA MET B 83 9.64 -6.03 -16.03
C MET B 83 8.39 -6.33 -16.82
N ASN B 84 7.25 -6.34 -16.15
CA ASN B 84 5.97 -6.60 -16.79
C ASN B 84 5.07 -5.41 -16.61
N SER B 85 4.11 -5.28 -17.52
CA SER B 85 3.14 -4.18 -17.56
C SER B 85 3.85 -2.85 -17.37
N LEU B 86 4.80 -2.58 -18.27
CA LEU B 86 5.59 -1.37 -18.15
C LEU B 86 4.74 -0.12 -18.39
N ARG B 87 5.06 0.93 -17.66
CA ARG B 87 4.46 2.27 -17.74
C ARG B 87 5.48 3.28 -18.28
N ALA B 88 4.96 4.44 -18.71
CA ALA B 88 5.82 5.47 -19.28
C ALA B 88 6.89 5.91 -18.28
N GLU B 89 6.50 6.02 -17.01
CA GLU B 89 7.41 6.38 -15.94
C GLU B 89 8.54 5.37 -15.74
N ASP B 90 8.46 4.19 -16.37
CA ASP B 90 9.56 3.25 -16.26
C ASP B 90 10.71 3.56 -17.21
N THR B 91 10.58 4.56 -18.08
CA THR B 91 11.68 4.90 -18.99
C THR B 91 12.89 5.40 -18.22
N ALA B 92 14.01 4.71 -18.36
CA ALA B 92 15.18 5.02 -17.57
C ALA B 92 16.36 4.17 -18.05
N VAL B 93 17.55 4.59 -17.65
CA VAL B 93 18.71 3.72 -17.69
C VAL B 93 18.71 2.88 -16.43
N TYR B 94 18.86 1.57 -16.59
CA TYR B 94 18.83 0.63 -15.47
C TYR B 94 20.24 0.14 -15.21
N TYR B 95 20.71 0.31 -13.97
CA TYR B 95 22.02 -0.17 -13.55
C TYR B 95 21.85 -1.36 -12.61
N CYS B 96 22.74 -2.33 -12.72
CA CYS B 96 22.87 -3.35 -11.70
C CYS B 96 24.03 -2.97 -10.80
N ALA B 97 23.86 -3.17 -9.50
CA ALA B 97 24.86 -2.78 -8.52
C ALA B 97 25.10 -3.93 -7.55
N LYS B 98 26.37 -4.12 -7.18
CA LYS B 98 26.79 -5.11 -6.20
C LYS B 98 26.95 -4.44 -4.84
N GLU B 99 26.34 -5.02 -3.81
CA GLU B 99 26.40 -4.42 -2.49
C GLU B 99 27.70 -4.78 -1.78
N ASN B 100 28.02 -3.96 -0.78
CA ASN B 100 29.04 -4.27 0.20
C ASN B 100 28.63 -5.49 1.03
N ASN B 101 29.63 -6.18 1.58
CA ASN B 101 29.35 -7.40 2.35
C ASN B 101 28.40 -7.12 3.50
N ARG B 102 28.65 -6.06 4.27
CA ARG B 102 27.86 -5.78 5.46
C ARG B 102 26.71 -4.79 5.22
N TYR B 103 26.91 -3.75 4.41
CA TYR B 103 25.95 -2.66 4.34
C TYR B 103 25.34 -2.51 2.94
N ARG B 104 24.22 -1.79 2.88
CA ARG B 104 23.45 -1.62 1.65
C ARG B 104 23.90 -0.39 0.85
N PHE B 105 25.20 -0.29 0.59
CA PHE B 105 25.72 0.65 -0.41
C PHE B 105 26.36 -0.16 -1.52
N PHE B 106 26.62 0.51 -2.64
CA PHE B 106 26.94 -0.17 -3.91
C PHE B 106 28.42 0.01 -4.23
N ASP B 107 29.15 -1.11 -4.22
CA ASP B 107 30.60 -1.12 -4.45
C ASP B 107 30.94 -1.03 -5.92
N ASP B 108 30.17 -1.70 -6.78
CA ASP B 108 30.44 -1.74 -8.21
C ASP B 108 29.12 -1.63 -8.96
N TRP B 109 29.20 -1.09 -10.17
CA TRP B 109 28.03 -0.82 -10.99
C TRP B 109 28.25 -1.33 -12.40
N GLY B 110 27.18 -1.74 -13.04
CA GLY B 110 27.22 -2.02 -14.46
C GLY B 110 27.23 -0.74 -15.27
N GLN B 111 27.33 -0.90 -16.58
CA GLN B 111 27.36 0.23 -17.50
C GLN B 111 25.98 0.83 -17.76
N GLY B 112 24.92 0.13 -17.40
CA GLY B 112 23.57 0.61 -17.64
C GLY B 112 23.04 0.14 -18.98
N THR B 113 21.72 -0.02 -19.04
CA THR B 113 21.01 -0.34 -20.28
C THR B 113 19.71 0.43 -20.30
N LEU B 114 19.29 0.89 -21.48
CA LEU B 114 18.20 1.87 -21.58
C LEU B 114 16.87 1.19 -21.90
N VAL B 115 15.83 1.56 -21.14
CA VAL B 115 14.47 1.10 -21.32
C VAL B 115 13.62 2.30 -21.70
N THR B 116 12.97 2.23 -22.87
CA THR B 116 12.05 3.26 -23.32
C THR B 116 10.65 2.66 -23.44
N VAL B 117 9.72 3.16 -22.64
CA VAL B 117 8.31 2.79 -22.73
C VAL B 117 7.58 3.90 -23.47
N SER B 118 7.05 3.58 -24.65
CA SER B 118 6.41 4.58 -25.48
C SER B 118 5.42 3.90 -26.41
N SER B 119 4.38 4.65 -26.81
CA SER B 119 3.38 4.20 -27.77
C SER B 119 3.73 4.57 -29.21
N ALA B 120 4.71 5.42 -29.42
CA ALA B 120 5.05 5.83 -30.77
C ALA B 120 5.60 4.66 -31.56
N SER B 121 5.55 4.78 -32.89
CA SER B 121 6.11 3.79 -33.79
C SER B 121 7.35 4.38 -34.46
N THR B 122 8.21 3.47 -34.92
CA THR B 122 9.44 3.85 -35.60
C THR B 122 9.15 4.75 -36.79
N LYS B 123 9.81 5.91 -36.83
CA LYS B 123 9.62 6.85 -37.92
C LYS B 123 10.94 7.57 -38.14
N GLY B 124 11.36 7.63 -39.40
CA GLY B 124 12.54 8.36 -39.79
C GLY B 124 12.22 9.85 -39.79
N PRO B 125 13.25 10.68 -39.71
CA PRO B 125 13.05 12.13 -39.58
C PRO B 125 12.93 12.88 -40.89
N SER B 126 12.14 13.95 -40.86
CA SER B 126 12.21 14.95 -41.91
C SER B 126 13.31 15.93 -41.56
N VAL B 127 14.12 16.30 -42.56
CA VAL B 127 15.25 17.20 -42.36
C VAL B 127 15.00 18.45 -43.18
N PHE B 128 14.99 19.61 -42.53
CA PHE B 128 14.74 20.91 -43.13
C PHE B 128 15.94 21.84 -42.93
N PRO B 129 16.21 22.72 -43.90
CA PRO B 129 17.36 23.63 -43.75
C PRO B 129 17.02 24.83 -42.87
N LEU B 130 18.01 25.27 -42.10
CA LEU B 130 17.97 26.54 -41.40
C LEU B 130 18.94 27.42 -42.16
N ALA B 131 18.40 28.17 -43.12
CA ALA B 131 19.22 28.89 -44.08
C ALA B 131 19.89 30.10 -43.41
N PRO B 132 21.15 30.36 -43.72
CA PRO B 132 21.81 31.55 -43.18
C PRO B 132 21.12 32.82 -43.67
N SER B 133 20.99 33.80 -42.78
CA SER B 133 20.29 35.05 -43.09
C SER B 133 21.17 35.96 -43.91
N SER B 134 20.56 36.64 -44.89
CA SER B 134 21.27 37.56 -45.78
C SER B 134 21.33 38.93 -45.12
N LYS B 135 22.32 39.11 -44.26
CA LYS B 135 22.53 40.36 -43.53
C LYS B 135 23.96 40.46 -42.97
N GLY B 139 30.45 40.55 -44.02
CA GLY B 139 29.23 40.66 -43.25
C GLY B 139 29.38 40.19 -41.80
N GLY B 140 30.56 39.65 -41.48
CA GLY B 140 30.86 39.16 -40.15
C GLY B 140 30.80 37.64 -40.01
N THR B 141 29.96 37.17 -39.10
CA THR B 141 29.78 35.74 -38.86
C THR B 141 28.34 35.35 -39.15
N ALA B 142 28.15 34.11 -39.59
CA ALA B 142 26.83 33.63 -39.99
C ALA B 142 26.54 32.26 -39.38
N ALA B 143 25.28 31.97 -39.14
CA ALA B 143 24.86 30.69 -38.60
C ALA B 143 23.90 30.01 -39.57
N LEU B 144 24.00 28.69 -39.66
CA LEU B 144 23.12 27.89 -40.50
C LEU B 144 22.97 26.52 -39.84
N GLY B 145 21.92 25.80 -40.24
CA GLY B 145 21.73 24.52 -39.59
C GLY B 145 20.71 23.64 -40.29
N CYS B 146 20.37 22.58 -39.58
CA CYS B 146 19.41 21.60 -40.04
C CYS B 146 18.46 21.30 -38.91
N LEU B 147 17.18 21.33 -39.22
CA LEU B 147 16.13 20.98 -38.29
C LEU B 147 15.75 19.55 -38.59
N VAL B 148 15.91 18.68 -37.60
CA VAL B 148 15.71 17.24 -37.74
C VAL B 148 14.49 16.87 -36.92
N LYS B 149 13.32 16.80 -37.56
CA LYS B 149 12.05 16.79 -36.88
C LYS B 149 11.27 15.49 -37.11
N ASP B 150 10.57 15.06 -36.06
CA ASP B 150 9.60 13.96 -36.08
C ASP B 150 10.22 12.60 -36.37
N TYR B 151 11.02 12.09 -35.44
CA TYR B 151 11.58 10.75 -35.58
C TYR B 151 11.42 10.00 -34.26
N PHE B 152 11.46 8.67 -34.37
CA PHE B 152 11.37 7.79 -33.21
C PHE B 152 11.91 6.43 -33.60
N PRO B 153 12.68 5.78 -32.72
CA PRO B 153 13.13 6.34 -31.44
C PRO B 153 14.47 7.05 -31.58
N GLU B 154 15.05 7.42 -30.44
CA GLU B 154 16.40 7.94 -30.45
C GLU B 154 17.39 6.81 -30.71
N PRO B 155 18.60 7.12 -31.22
CA PRO B 155 19.12 8.45 -31.49
C PRO B 155 19.14 8.76 -32.98
N VAL B 156 19.52 9.98 -33.28
CA VAL B 156 19.94 10.37 -34.62
C VAL B 156 21.33 10.94 -34.49
N THR B 157 22.15 10.78 -35.53
CA THR B 157 23.45 11.41 -35.58
C THR B 157 23.45 12.46 -36.69
N VAL B 158 24.12 13.58 -36.45
CA VAL B 158 24.29 14.62 -37.44
C VAL B 158 25.77 14.91 -37.59
N SER B 159 26.24 14.92 -38.83
CA SER B 159 27.56 15.40 -39.17
C SER B 159 27.41 16.47 -40.25
N TRP B 160 28.47 17.23 -40.47
CA TRP B 160 28.46 18.30 -41.44
C TRP B 160 29.59 18.08 -42.42
N ASN B 161 29.25 18.14 -43.72
CA ASN B 161 30.18 17.93 -44.82
C ASN B 161 30.94 16.60 -44.67
N SER B 162 30.22 15.59 -44.19
CA SER B 162 30.76 14.23 -43.99
C SER B 162 31.91 14.24 -42.98
N GLY B 163 31.71 14.94 -41.87
CA GLY B 163 32.73 15.01 -40.84
C GLY B 163 33.85 16.00 -41.10
N ALA B 164 33.95 16.57 -42.30
CA ALA B 164 34.99 17.55 -42.57
C ALA B 164 34.75 18.88 -41.88
N LEU B 165 33.56 19.09 -41.33
CA LEU B 165 33.18 20.31 -40.62
C LEU B 165 32.82 19.91 -39.20
N THR B 166 33.70 20.22 -38.25
CA THR B 166 33.51 19.91 -36.85
C THR B 166 33.57 21.13 -35.94
N SER B 167 34.32 22.16 -36.32
CA SER B 167 34.47 23.31 -35.44
C SER B 167 33.27 24.23 -35.54
N GLY B 168 32.78 24.67 -34.39
CA GLY B 168 31.64 25.55 -34.33
C GLY B 168 30.29 24.88 -34.44
N VAL B 169 30.26 23.54 -34.40
CA VAL B 169 29.02 22.79 -34.57
C VAL B 169 28.41 22.54 -33.19
N HIS B 170 27.11 22.81 -33.07
CA HIS B 170 26.33 22.47 -31.88
C HIS B 170 25.13 21.66 -32.33
N THR B 171 25.02 20.43 -31.84
CA THR B 171 23.88 19.57 -32.10
C THR B 171 23.12 19.42 -30.79
N PHE B 172 21.90 19.96 -30.75
CA PHE B 172 21.25 20.09 -29.47
C PHE B 172 20.68 18.75 -29.00
N PRO B 173 20.50 18.57 -27.68
CA PRO B 173 19.82 17.36 -27.21
C PRO B 173 18.41 17.33 -27.79
N ALA B 174 17.96 16.13 -28.14
CA ALA B 174 16.63 15.97 -28.70
C ALA B 174 15.58 16.33 -27.66
N VAL B 175 14.46 16.87 -28.14
CA VAL B 175 13.31 17.21 -27.31
C VAL B 175 12.15 16.34 -27.72
N LEU B 176 11.45 15.78 -26.73
CA LEU B 176 10.28 14.94 -26.97
C LEU B 176 9.06 15.85 -27.05
N GLN B 177 8.48 15.98 -28.24
CA GLN B 177 7.26 16.77 -28.36
C GLN B 177 6.04 15.93 -27.95
N SER B 178 4.90 16.62 -27.81
CA SER B 178 3.69 15.97 -27.30
C SER B 178 3.20 14.86 -28.22
N SER B 179 3.63 14.85 -29.48
CA SER B 179 3.23 13.81 -30.42
C SER B 179 3.91 12.47 -30.14
N GLY B 180 4.83 12.39 -29.17
CA GLY B 180 5.58 11.18 -28.94
C GLY B 180 6.82 11.03 -29.80
N LEU B 181 7.03 11.92 -30.77
CA LEU B 181 8.20 11.92 -31.62
C LEU B 181 9.24 12.92 -31.11
N TYR B 182 10.46 12.76 -31.58
CA TYR B 182 11.58 13.61 -31.17
C TYR B 182 11.93 14.62 -32.23
N SER B 183 12.52 15.73 -31.79
CA SER B 183 13.00 16.71 -32.74
C SER B 183 14.29 17.32 -32.21
N LEU B 184 15.03 17.97 -33.09
CA LEU B 184 16.41 18.28 -32.81
C LEU B 184 16.91 19.20 -33.91
N SER B 185 17.70 20.20 -33.52
CA SER B 185 18.39 21.08 -34.45
C SER B 185 19.89 20.86 -34.32
N SER B 186 20.60 21.08 -35.42
CA SER B 186 22.06 21.04 -35.45
C SER B 186 22.51 22.29 -36.20
N VAL B 187 23.28 23.15 -35.52
CA VAL B 187 23.70 24.43 -36.09
C VAL B 187 25.21 24.52 -36.13
N VAL B 188 25.72 25.42 -36.97
CA VAL B 188 27.14 25.64 -37.10
C VAL B 188 27.38 27.11 -37.39
N THR B 189 28.46 27.65 -36.84
CA THR B 189 28.90 29.02 -37.13
C THR B 189 30.00 28.98 -38.19
N VAL B 190 29.83 29.78 -39.25
CA VAL B 190 30.80 29.85 -40.35
C VAL B 190 31.05 31.31 -40.68
N PRO B 191 32.18 31.60 -41.32
CA PRO B 191 32.43 32.97 -41.80
C PRO B 191 31.42 33.35 -42.87
N SER B 192 30.85 34.55 -42.73
CA SER B 192 29.89 35.01 -43.74
C SER B 192 30.55 35.22 -45.09
N SER B 193 31.88 35.40 -45.10
CA SER B 193 32.62 35.55 -46.34
C SER B 193 32.57 34.28 -47.18
N SER B 194 32.40 33.12 -46.54
CA SER B 194 32.48 31.84 -47.21
C SER B 194 31.12 31.30 -47.64
N LEU B 195 30.08 32.14 -47.66
CA LEU B 195 28.75 31.65 -48.03
C LEU B 195 28.55 31.58 -49.53
N GLY B 196 29.54 31.98 -50.33
CA GLY B 196 29.51 31.75 -51.75
C GLY B 196 30.48 30.68 -52.18
N THR B 197 31.56 30.53 -51.41
CA THR B 197 32.60 29.53 -51.71
C THR B 197 32.16 28.12 -51.32
N GLN B 198 32.15 27.83 -50.03
CA GLN B 198 31.94 26.47 -49.56
C GLN B 198 30.46 26.13 -49.50
N THR B 199 30.13 24.89 -49.85
CA THR B 199 28.80 24.35 -49.70
C THR B 199 28.71 23.58 -48.37
N TYR B 200 27.53 23.65 -47.74
CA TYR B 200 27.31 23.07 -46.42
C TYR B 200 26.17 22.06 -46.49
N ILE B 201 26.49 20.81 -46.18
CA ILE B 201 25.57 19.68 -46.22
C ILE B 201 25.56 19.02 -44.84
N CYS B 202 24.38 18.84 -44.27
CA CYS B 202 24.23 18.10 -43.03
C CYS B 202 23.84 16.66 -43.37
N ASN B 203 24.50 15.71 -42.72
CA ASN B 203 24.28 14.29 -42.97
C ASN B 203 23.58 13.74 -41.74
N VAL B 204 22.35 13.27 -41.92
CA VAL B 204 21.53 12.77 -40.83
C VAL B 204 21.45 11.26 -40.96
N ASN B 205 21.69 10.56 -39.85
CA ASN B 205 21.62 9.12 -39.84
C ASN B 205 20.65 8.71 -38.74
N HIS B 206 19.60 7.99 -39.11
CA HIS B 206 18.64 7.42 -38.16
C HIS B 206 18.68 5.91 -38.40
N LYS B 207 19.57 5.21 -37.71
CA LYS B 207 19.70 3.77 -37.90
C LYS B 207 18.42 2.99 -37.61
N PRO B 208 17.65 3.26 -36.55
CA PRO B 208 16.46 2.43 -36.28
C PRO B 208 15.43 2.40 -37.42
N SER B 209 15.48 3.34 -38.36
CA SER B 209 14.57 3.33 -39.50
C SER B 209 15.31 3.21 -40.82
N ASN B 210 16.63 2.98 -40.80
CA ASN B 210 17.44 2.91 -42.01
C ASN B 210 17.25 4.16 -42.87
N THR B 211 17.26 5.31 -42.21
CA THR B 211 17.13 6.61 -42.88
C THR B 211 18.49 7.27 -42.91
N LYS B 212 18.91 7.72 -44.09
CA LYS B 212 20.00 8.65 -44.21
C LYS B 212 19.53 9.79 -45.11
N VAL B 213 19.67 11.02 -44.63
CA VAL B 213 19.37 12.21 -45.42
C VAL B 213 20.60 13.11 -45.45
N ASP B 214 20.95 13.58 -46.63
CA ASP B 214 22.02 14.55 -46.83
C ASP B 214 21.37 15.78 -47.44
N LYS B 215 21.10 16.79 -46.60
CA LYS B 215 20.36 17.98 -46.98
C LYS B 215 21.33 19.14 -47.15
N LYS B 216 21.38 19.70 -48.35
CA LYS B 216 22.19 20.88 -48.64
C LYS B 216 21.52 22.13 -48.06
N VAL B 217 22.30 22.95 -47.35
CA VAL B 217 21.80 24.20 -46.76
C VAL B 217 22.47 25.37 -47.47
N GLU B 218 21.66 26.28 -47.99
CA GLU B 218 22.14 27.36 -48.85
C GLU B 218 21.31 28.60 -48.57
N PRO B 219 21.82 29.80 -48.92
CA PRO B 219 21.07 31.04 -48.67
C PRO B 219 19.75 31.08 -49.43
N LYS B 220 18.94 32.09 -49.08
CA LYS B 220 17.60 32.32 -49.64
C LYS B 220 16.69 31.12 -49.40
N GLU C 1 40.25 3.59 26.50
CA GLU C 1 38.86 3.21 26.22
C GLU C 1 38.34 3.95 25.00
N GLU C 2 38.02 3.24 23.93
CA GLU C 2 37.46 3.92 22.78
C GLU C 2 35.99 4.26 23.01
N GLU C 3 35.46 5.14 22.16
CA GLU C 3 34.05 5.52 22.24
C GLU C 3 33.15 4.30 22.05
N LEU C 4 31.97 4.36 22.65
CA LEU C 4 31.03 3.25 22.54
C LEU C 4 30.59 3.06 21.09
N GLN C 5 30.55 1.79 20.65
CA GLN C 5 30.06 1.38 19.34
C GLN C 5 29.03 0.27 19.52
N VAL C 6 27.95 0.35 18.77
CA VAL C 6 26.91 -0.68 18.73
C VAL C 6 27.07 -1.44 17.42
N ILE C 7 27.32 -2.74 17.51
CA ILE C 7 27.68 -3.56 16.36
C ILE C 7 26.61 -4.63 16.16
N GLN C 8 25.91 -4.57 15.02
CA GLN C 8 25.04 -5.65 14.59
C GLN C 8 25.70 -6.34 13.41
N PRO C 9 26.29 -7.51 13.59
CA PRO C 9 27.14 -8.10 12.53
C PRO C 9 26.37 -8.68 11.36
N ASP C 10 25.06 -8.86 11.47
CA ASP C 10 24.29 -9.56 10.46
C ASP C 10 23.49 -8.59 9.59
N LYS C 11 23.84 -8.54 8.32
CA LYS C 11 23.01 -7.85 7.33
C LYS C 11 21.59 -8.38 7.34
N SER C 12 21.44 -9.70 7.38
CA SER C 12 20.15 -10.33 7.19
C SER C 12 20.07 -11.61 8.01
N VAL C 13 18.85 -11.94 8.43
CA VAL C 13 18.56 -13.22 9.09
C VAL C 13 17.30 -13.79 8.47
N LEU C 14 17.36 -15.07 8.08
CA LEU C 14 16.24 -15.78 7.49
C LEU C 14 15.71 -16.80 8.47
N VAL C 15 14.41 -16.78 8.72
CA VAL C 15 13.77 -17.62 9.71
C VAL C 15 12.52 -18.23 9.08
N ALA C 16 12.25 -19.49 9.39
CA ALA C 16 11.02 -20.12 8.97
C ALA C 16 9.89 -19.69 9.90
N ALA C 17 8.67 -19.68 9.36
CA ALA C 17 7.53 -19.33 10.21
C ALA C 17 7.41 -20.34 11.34
N GLY C 18 7.25 -19.83 12.57
CA GLY C 18 7.14 -20.66 13.75
C GLY C 18 8.44 -20.88 14.50
N GLU C 19 9.58 -20.68 13.84
CA GLU C 19 10.86 -20.87 14.50
C GLU C 19 11.21 -19.64 15.34
N THR C 20 12.44 -19.59 15.84
CA THR C 20 12.91 -18.49 16.68
C THR C 20 14.00 -17.73 15.94
N ALA C 21 13.85 -16.42 15.86
CA ALA C 21 14.82 -15.56 15.19
C ALA C 21 15.81 -15.02 16.21
N THR C 22 17.10 -15.04 15.83
CA THR C 22 18.16 -14.47 16.66
C THR C 22 18.73 -13.22 16.01
N LEU C 23 18.73 -12.12 16.76
CA LEU C 23 19.20 -10.82 16.31
C LEU C 23 20.42 -10.45 17.14
N ARG C 24 21.58 -10.38 16.48
CA ARG C 24 22.85 -10.22 17.18
C ARG C 24 23.15 -8.74 17.40
N CYS C 25 23.71 -8.42 18.56
CA CYS C 25 24.11 -7.05 18.86
C CYS C 25 25.18 -7.05 19.95
N THR C 26 26.18 -6.20 19.78
CA THR C 26 27.29 -6.09 20.72
C THR C 26 27.62 -4.62 20.94
N ALA C 27 27.85 -4.25 22.20
CA ALA C 27 28.36 -2.94 22.57
C ALA C 27 29.83 -3.06 22.95
N THR C 28 30.67 -2.18 22.42
CA THR C 28 32.11 -2.30 22.63
C THR C 28 32.59 -1.61 23.91
N SER C 29 31.69 -1.09 24.73
CA SER C 29 32.08 -0.42 25.96
C SER C 29 30.86 -0.36 26.88
N LEU C 30 31.11 -0.02 28.14
CA LEU C 30 30.03 0.17 29.09
C LEU C 30 29.91 1.62 29.54
N ILE C 31 30.66 2.52 28.93
CA ILE C 31 30.56 3.97 29.16
C ILE C 31 30.01 4.59 27.88
N PRO C 32 28.90 5.33 27.93
CA PRO C 32 28.23 5.62 29.18
C PRO C 32 27.33 4.49 29.62
N VAL C 33 27.03 4.54 30.90
CA VAL C 33 26.04 3.63 31.49
C VAL C 33 24.64 3.96 30.99
N GLY C 34 23.87 2.90 30.69
CA GLY C 34 22.52 3.06 30.18
C GLY C 34 21.99 1.83 29.47
N PRO C 35 20.67 1.76 29.30
CA PRO C 35 20.03 0.55 28.77
C PRO C 35 20.10 0.41 27.25
N ILE C 36 19.97 -0.84 26.83
CA ILE C 36 19.83 -1.20 25.43
C ILE C 36 18.36 -1.46 25.15
N GLN C 37 17.88 -0.96 24.00
CA GLN C 37 16.52 -1.20 23.55
C GLN C 37 16.56 -1.68 22.11
N TRP C 38 15.58 -2.49 21.74
CA TRP C 38 15.43 -3.01 20.38
C TRP C 38 14.18 -2.41 19.75
N PHE C 39 14.33 -1.90 18.53
CA PHE C 39 13.17 -1.40 17.80
C PHE C 39 13.09 -2.08 16.45
N ARG C 40 11.87 -2.16 15.92
CA ARG C 40 11.65 -2.46 14.52
C ARG C 40 11.25 -1.15 13.85
N GLY C 41 11.99 -0.76 12.82
CA GLY C 41 11.79 0.50 12.13
C GLY C 41 12.68 1.60 12.68
N ALA C 42 12.78 2.68 11.92
CA ALA C 42 13.49 3.89 12.35
C ALA C 42 12.51 5.06 12.35
N GLY C 43 12.86 6.12 13.08
CA GLY C 43 12.05 7.30 13.11
C GLY C 43 11.06 7.33 14.26
N PRO C 44 10.15 8.31 14.25
CA PRO C 44 9.15 8.39 15.33
C PRO C 44 8.16 7.24 15.34
N GLY C 45 7.93 6.56 14.22
CA GLY C 45 7.00 5.45 14.29
C GLY C 45 7.64 4.11 14.66
N ARG C 46 8.71 4.15 15.46
CA ARG C 46 9.44 2.95 15.85
C ARG C 46 8.60 2.08 16.78
N GLU C 47 8.57 0.77 16.53
CA GLU C 47 7.94 -0.18 17.43
C GLU C 47 8.94 -0.67 18.48
N LEU C 48 8.59 -0.56 19.75
CA LEU C 48 9.46 -1.05 20.82
C LEU C 48 9.39 -2.57 20.88
N ILE C 49 10.51 -3.23 20.63
CA ILE C 49 10.60 -4.69 20.63
C ILE C 49 11.14 -5.23 21.93
N TYR C 50 12.07 -4.51 22.56
CA TYR C 50 12.61 -4.93 23.84
C TYR C 50 13.25 -3.74 24.53
N ASN C 51 13.22 -3.78 25.86
CA ASN C 51 13.80 -2.72 26.69
C ASN C 51 14.45 -3.36 27.91
N GLN C 52 15.76 -3.15 28.05
CA GLN C 52 16.49 -3.76 29.15
C GLN C 52 16.03 -3.24 30.51
N LYS C 53 15.68 -1.95 30.57
CA LYS C 53 15.23 -1.30 31.79
C LYS C 53 13.94 -1.91 32.33
N GLU C 54 12.83 -1.67 31.63
CA GLU C 54 11.48 -1.86 32.15
C GLU C 54 10.65 -2.63 31.13
N GLY C 55 9.57 -3.24 31.59
CA GLY C 55 8.55 -3.64 30.66
C GLY C 55 8.50 -5.15 30.49
N HIS C 56 7.40 -5.60 29.89
CA HIS C 56 7.14 -7.02 29.68
C HIS C 56 7.15 -7.32 28.19
N PHE C 57 7.96 -8.30 27.79
CA PHE C 57 8.11 -8.67 26.38
C PHE C 57 8.14 -10.17 26.28
N PRO C 58 6.97 -10.81 26.24
CA PRO C 58 6.90 -12.26 26.43
C PRO C 58 7.54 -13.06 25.32
N ARG C 59 7.64 -12.52 24.11
CA ARG C 59 8.22 -13.29 23.01
C ARG C 59 9.75 -13.21 22.97
N VAL C 60 10.38 -12.38 23.80
CA VAL C 60 11.79 -12.03 23.64
C VAL C 60 12.62 -12.62 24.78
N THR C 61 13.72 -13.28 24.43
CA THR C 61 14.70 -13.80 25.36
C THR C 61 16.07 -13.28 24.98
N THR C 62 16.83 -12.81 25.96
CA THR C 62 18.21 -12.39 25.73
C THR C 62 19.12 -13.61 25.69
N VAL C 63 20.09 -13.57 24.77
CA VAL C 63 21.04 -14.68 24.66
C VAL C 63 21.93 -14.74 25.89
N SER C 64 22.43 -13.60 26.33
CA SER C 64 23.34 -13.53 27.45
C SER C 64 22.61 -13.10 28.72
N ASP C 65 23.34 -13.12 29.83
CA ASP C 65 22.82 -12.66 31.10
C ASP C 65 23.15 -11.18 31.21
N LEU C 66 22.13 -10.34 31.13
CA LEU C 66 22.38 -8.89 31.12
C LEU C 66 22.74 -8.35 32.49
N THR C 67 22.33 -9.04 33.56
CA THR C 67 22.67 -8.61 34.92
C THR C 67 24.16 -8.73 35.22
N LYS C 68 24.94 -9.40 34.36
CA LYS C 68 26.40 -9.41 34.50
C LYS C 68 26.94 -7.99 34.37
N ARG C 69 27.84 -7.64 35.30
CA ARG C 69 28.42 -6.29 35.30
C ARG C 69 29.24 -6.04 34.04
N ASN C 70 29.89 -7.08 33.51
CA ASN C 70 30.79 -6.99 32.37
C ASN C 70 30.12 -7.26 31.03
N ASN C 71 28.79 -7.33 30.98
CA ASN C 71 28.13 -7.84 29.79
C ASN C 71 28.18 -6.82 28.66
N MET C 72 28.45 -7.32 27.47
CA MET C 72 28.42 -6.52 26.25
C MET C 72 27.59 -7.17 25.16
N ASP C 73 27.05 -8.37 25.40
CA ASP C 73 26.21 -9.05 24.41
C ASP C 73 24.76 -8.69 24.67
N PHE C 74 24.11 -8.11 23.67
CA PHE C 74 22.70 -7.71 23.75
C PHE C 74 21.88 -8.36 22.65
N SER C 75 22.31 -9.53 22.20
CA SER C 75 21.51 -10.28 21.25
C SER C 75 20.24 -10.78 21.93
N ILE C 76 19.17 -10.85 21.14
CA ILE C 76 17.87 -11.30 21.63
C ILE C 76 17.36 -12.40 20.69
N ARG C 77 16.39 -13.16 21.20
CA ARG C 77 15.69 -14.17 20.42
C ARG C 77 14.20 -13.88 20.48
N ILE C 78 13.54 -14.01 19.32
CA ILE C 78 12.11 -13.76 19.19
C ILE C 78 11.45 -15.08 18.78
N GLY C 79 10.58 -15.60 19.66
CA GLY C 79 9.95 -16.88 19.42
C GLY C 79 8.64 -16.75 18.66
N ALA C 80 8.21 -17.89 18.12
CA ALA C 80 6.97 -18.03 17.37
C ALA C 80 6.86 -16.97 16.28
N ILE C 81 7.87 -16.96 15.40
CA ILE C 81 7.94 -15.96 14.33
C ILE C 81 6.85 -16.22 13.30
N THR C 82 6.10 -15.17 12.98
CA THR C 82 5.11 -15.13 11.92
C THR C 82 5.53 -14.12 10.86
N PRO C 83 4.95 -14.16 9.66
CA PRO C 83 5.31 -13.16 8.64
C PRO C 83 5.10 -11.71 9.10
N ALA C 84 4.26 -11.46 10.12
CA ALA C 84 4.08 -10.11 10.62
C ALA C 84 5.32 -9.57 11.33
N ASP C 85 6.30 -10.41 11.63
CA ASP C 85 7.53 -10.00 12.31
C ASP C 85 8.62 -9.55 11.35
N ALA C 86 8.40 -9.65 10.04
CA ALA C 86 9.42 -9.21 9.10
C ALA C 86 9.67 -7.70 9.24
N GLY C 87 10.88 -7.29 8.95
CA GLY C 87 11.25 -5.89 9.06
C GLY C 87 12.72 -5.74 9.43
N THR C 88 13.10 -4.49 9.66
CA THR C 88 14.47 -4.13 10.01
C THR C 88 14.52 -3.82 11.50
N TYR C 89 15.39 -4.51 12.22
CA TYR C 89 15.46 -4.43 13.67
C TYR C 89 16.74 -3.72 14.08
N TYR C 90 16.60 -2.75 14.97
CA TYR C 90 17.70 -1.90 15.39
C TYR C 90 17.98 -2.08 16.88
N CYS C 91 19.27 -2.28 17.19
CA CYS C 91 19.75 -2.38 18.56
C CYS C 91 20.32 -1.02 18.95
N VAL C 92 19.73 -0.38 19.95
CA VAL C 92 19.99 1.02 20.23
C VAL C 92 20.42 1.20 21.69
N LYS C 93 21.56 1.87 21.87
CA LYS C 93 22.08 2.19 23.19
C LYS C 93 21.53 3.53 23.64
N PHE C 94 21.03 3.57 24.86
CA PHE C 94 20.57 4.80 25.47
C PHE C 94 21.54 5.15 26.60
N ARG C 95 21.52 6.41 27.01
CA ARG C 95 22.33 6.81 28.16
C ARG C 95 21.36 7.38 29.18
N LYS C 96 21.67 7.28 30.49
CA LYS C 96 20.70 7.90 31.41
C LYS C 96 20.85 9.39 31.20
N GLY C 97 19.78 10.08 31.45
CA GLY C 97 19.80 11.49 31.16
C GLY C 97 18.95 12.29 32.10
N SER C 98 18.62 13.37 31.68
CA SER C 98 17.84 13.98 32.72
C SER C 98 16.34 13.81 32.42
N PRO C 99 15.48 13.87 33.46
CA PRO C 99 14.45 12.83 33.68
C PRO C 99 14.59 11.47 32.99
N ASP C 100 14.45 11.37 31.67
CA ASP C 100 14.37 10.08 30.99
C ASP C 100 15.63 9.78 30.19
N ASP C 101 15.80 8.50 29.86
CA ASP C 101 16.90 8.07 29.01
C ASP C 101 16.74 8.60 27.59
N VAL C 102 17.86 8.94 26.95
CA VAL C 102 17.89 9.55 25.64
C VAL C 102 18.78 8.70 24.73
N GLU C 103 18.39 8.59 23.45
CA GLU C 103 19.18 7.85 22.47
C GLU C 103 20.63 8.32 22.42
N PHE C 104 21.55 7.36 22.42
CA PHE C 104 22.99 7.66 22.36
C PHE C 104 23.63 7.18 21.07
N LYS C 105 23.58 5.88 20.77
CA LYS C 105 24.07 5.38 19.49
C LYS C 105 23.23 4.19 19.09
N SER C 106 23.17 3.94 17.78
CA SER C 106 22.39 2.83 17.25
C SER C 106 23.27 1.96 16.38
N GLY C 107 22.97 0.66 16.39
CA GLY C 107 23.54 -0.22 15.40
C GLY C 107 22.94 0.04 14.02
N ALA C 108 23.56 -0.58 13.02
CA ALA C 108 23.18 -0.40 11.63
C ALA C 108 21.84 -1.03 11.28
N GLY C 109 21.35 -1.98 12.06
CA GLY C 109 20.09 -2.64 11.76
C GLY C 109 20.29 -4.01 11.15
N THR C 110 19.29 -4.87 11.33
CA THR C 110 19.26 -6.22 10.75
C THR C 110 17.89 -6.49 10.18
N GLU C 111 17.83 -6.86 8.89
CA GLU C 111 16.55 -7.19 8.27
C GLU C 111 16.19 -8.65 8.54
N LEU C 112 14.94 -8.86 8.93
CA LEU C 112 14.39 -10.16 9.29
C LEU C 112 13.38 -10.59 8.23
N SER C 113 13.65 -11.72 7.58
CA SER C 113 12.80 -12.28 6.53
C SER C 113 12.29 -13.64 7.00
N VAL C 114 11.03 -13.96 6.67
CA VAL C 114 10.35 -15.17 7.14
C VAL C 114 10.12 -16.17 6.01
N ARG C 115 10.07 -17.46 6.39
CA ARG C 115 9.82 -18.61 5.52
C ARG C 115 10.90 -18.83 4.48
N ALA C 116 11.80 -19.78 4.77
CA ALA C 116 13.01 -20.03 3.98
C ALA C 116 12.77 -21.08 2.90
N GLU D 1 -32.71 -16.51 25.43
CA GLU D 1 -31.29 -16.32 25.20
C GLU D 1 -30.71 -15.16 26.03
N THR D 2 -29.38 -15.01 26.00
CA THR D 2 -28.72 -13.87 26.59
C THR D 2 -28.28 -12.97 25.45
N VAL D 3 -28.70 -11.70 25.48
CA VAL D 3 -28.38 -10.75 24.43
C VAL D 3 -27.22 -9.90 24.89
N LEU D 4 -26.22 -9.73 24.02
CA LEU D 4 -25.05 -8.91 24.29
C LEU D 4 -25.13 -7.65 23.45
N THR D 5 -24.86 -6.49 24.08
CA THR D 5 -24.94 -5.18 23.41
C THR D 5 -23.57 -4.52 23.43
N GLN D 6 -23.05 -4.20 22.26
CA GLN D 6 -21.79 -3.45 22.16
C GLN D 6 -22.09 -2.03 21.73
N SER D 7 -21.66 -1.07 22.54
CA SER D 7 -21.86 0.35 22.28
C SER D 7 -20.54 1.08 22.46
N PRO D 8 -20.19 2.00 21.52
CA PRO D 8 -20.97 2.32 20.33
C PRO D 8 -20.67 1.37 19.18
N GLY D 9 -21.41 1.49 18.07
CA GLY D 9 -21.10 0.67 16.90
C GLY D 9 -19.77 1.05 16.28
N THR D 10 -19.42 2.33 16.32
CA THR D 10 -18.18 2.81 15.73
C THR D 10 -17.47 3.65 16.78
N LEU D 11 -16.20 3.32 17.03
CA LEU D 11 -15.38 4.04 17.98
C LEU D 11 -14.27 4.75 17.22
N THR D 12 -14.14 6.05 17.44
CA THR D 12 -13.25 6.92 16.67
C THR D 12 -12.11 7.38 17.55
N LEU D 13 -10.89 6.91 17.24
CA LEU D 13 -9.74 7.19 18.07
C LEU D 13 -8.49 7.37 17.23
N SER D 14 -7.56 8.12 17.77
CA SER D 14 -6.30 8.37 17.11
C SER D 14 -5.32 7.21 17.32
N PRO D 15 -4.42 6.98 16.37
CA PRO D 15 -3.38 5.97 16.57
C PRO D 15 -2.54 6.32 17.79
N GLY D 16 -2.28 5.31 18.62
CA GLY D 16 -1.54 5.51 19.84
C GLY D 16 -2.38 5.83 21.05
N GLU D 17 -3.66 6.13 20.87
CA GLU D 17 -4.53 6.35 22.01
C GLU D 17 -4.95 5.02 22.62
N ARG D 18 -5.44 5.08 23.84
CA ARG D 18 -6.00 3.90 24.49
C ARG D 18 -7.47 3.77 24.12
N ALA D 19 -7.89 2.55 23.80
CA ALA D 19 -9.25 2.27 23.40
C ALA D 19 -9.98 1.49 24.48
N THR D 20 -11.26 1.80 24.68
CA THR D 20 -12.13 1.15 25.66
C THR D 20 -13.43 0.76 24.99
N LEU D 21 -13.62 -0.53 24.76
CA LEU D 21 -14.84 -1.07 24.15
C LEU D 21 -15.65 -1.78 25.22
N THR D 22 -16.96 -1.55 25.21
CA THR D 22 -17.87 -2.13 26.18
C THR D 22 -18.73 -3.23 25.59
N CYS D 23 -19.16 -4.14 26.47
CA CYS D 23 -20.09 -5.21 26.12
C CYS D 23 -21.02 -5.44 27.32
N ARG D 24 -22.32 -5.25 27.12
CA ARG D 24 -23.33 -5.40 28.17
C ARG D 24 -24.18 -6.64 27.88
N ALA D 25 -24.39 -7.48 28.91
CA ALA D 25 -25.23 -8.66 28.79
C ALA D 25 -26.61 -8.39 29.36
N SER D 26 -27.64 -8.94 28.72
CA SER D 26 -29.00 -8.72 29.19
C SER D 26 -29.28 -9.40 30.53
N GLN D 27 -28.48 -10.39 30.88
CA GLN D 27 -28.52 -11.06 32.18
C GLN D 27 -27.12 -11.62 32.45
N SER D 28 -26.86 -11.92 33.71
CA SER D 28 -25.49 -12.18 34.12
C SER D 28 -24.89 -13.38 33.39
N VAL D 29 -23.67 -13.21 32.91
CA VAL D 29 -22.87 -14.30 32.39
C VAL D 29 -21.61 -14.50 33.20
N TYR D 30 -21.50 -13.82 34.35
CA TYR D 30 -20.39 -13.97 35.28
C TYR D 30 -19.07 -13.63 34.61
N THR D 31 -18.17 -14.61 34.44
CA THR D 31 -16.88 -14.36 33.80
C THR D 31 -16.73 -15.09 32.48
N TYR D 32 -17.80 -15.66 31.95
CA TYR D 32 -17.72 -16.58 30.80
C TYR D 32 -18.05 -15.82 29.52
N LEU D 33 -17.11 -14.93 29.17
CA LEU D 33 -17.24 -13.98 28.09
C LEU D 33 -15.90 -13.95 27.34
N ALA D 34 -15.95 -14.06 26.03
CA ALA D 34 -14.78 -13.99 25.17
C ALA D 34 -14.90 -12.78 24.27
N TRP D 35 -13.75 -12.31 23.76
CA TRP D 35 -13.63 -11.22 22.81
C TRP D 35 -12.88 -11.73 21.60
N TYR D 36 -13.35 -11.38 20.40
CA TYR D 36 -12.72 -11.76 19.14
C TYR D 36 -12.40 -10.52 18.32
N GLN D 37 -11.30 -10.60 17.57
CA GLN D 37 -10.93 -9.57 16.62
C GLN D 37 -11.17 -10.06 15.20
N GLU D 38 -11.72 -9.20 14.35
CA GLU D 38 -11.96 -9.50 12.94
C GLU D 38 -11.37 -8.35 12.12
N LYS D 39 -10.14 -8.56 11.60
CA LYS D 39 -9.57 -7.57 10.69
C LYS D 39 -10.21 -7.71 9.30
N PRO D 40 -10.23 -6.63 8.51
CA PRO D 40 -10.97 -6.66 7.23
C PRO D 40 -10.50 -7.79 6.33
N GLY D 41 -11.43 -8.66 5.96
CA GLY D 41 -11.18 -9.76 5.05
C GLY D 41 -10.67 -11.02 5.69
N GLN D 42 -10.36 -11.00 6.98
CA GLN D 42 -9.83 -12.17 7.67
C GLN D 42 -10.89 -12.84 8.53
N ALA D 43 -10.61 -14.08 8.90
CA ALA D 43 -11.48 -14.75 9.85
C ALA D 43 -11.29 -14.14 11.24
N PRO D 44 -12.32 -14.21 12.09
CA PRO D 44 -12.15 -13.78 13.49
C PRO D 44 -11.06 -14.59 14.16
N ARG D 45 -10.48 -14.00 15.21
CA ARG D 45 -9.51 -14.69 16.05
C ARG D 45 -9.74 -14.29 17.50
N LEU D 46 -9.48 -15.23 18.41
CA LEU D 46 -9.72 -15.02 19.83
C LEU D 46 -8.64 -14.12 20.42
N LEU D 47 -9.06 -13.12 21.21
CA LEU D 47 -8.15 -12.30 21.99
C LEU D 47 -8.19 -12.63 23.47
N ILE D 48 -9.39 -12.77 24.02
CA ILE D 48 -9.63 -12.83 25.45
C ILE D 48 -10.71 -13.87 25.70
N TYR D 49 -10.50 -14.70 26.72
CA TYR D 49 -11.52 -15.61 27.24
C TYR D 49 -11.60 -15.45 28.75
N GLY D 50 -12.72 -15.90 29.32
CA GLY D 50 -12.92 -15.78 30.76
C GLY D 50 -12.90 -14.37 31.29
N ALA D 51 -13.35 -13.40 30.46
CA ALA D 51 -13.42 -11.97 30.73
C ALA D 51 -12.06 -11.30 30.80
N SER D 52 -11.04 -11.99 31.33
CA SER D 52 -9.76 -11.34 31.59
C SER D 52 -8.52 -12.10 31.15
N SER D 53 -8.64 -13.32 30.64
CA SER D 53 -7.45 -14.08 30.26
C SER D 53 -7.11 -13.84 28.80
N ARG D 54 -5.84 -13.53 28.55
CA ARG D 54 -5.33 -13.31 27.21
C ARG D 54 -5.08 -14.63 26.49
N ALA D 55 -5.56 -14.75 25.27
CA ALA D 55 -5.35 -15.98 24.51
C ALA D 55 -3.88 -16.09 24.07
N THR D 56 -3.51 -17.29 23.64
CA THR D 56 -2.13 -17.57 23.24
C THR D 56 -1.71 -16.74 22.02
N GLY D 57 -0.56 -16.06 22.16
CA GLY D 57 -0.03 -15.29 21.05
C GLY D 57 -0.64 -13.92 20.89
N ILE D 58 -1.43 -13.46 21.85
CA ILE D 58 -2.09 -12.16 21.76
C ILE D 58 -1.19 -11.13 22.42
N PRO D 59 -0.88 -10.02 21.74
CA PRO D 59 0.03 -9.02 22.34
C PRO D 59 -0.54 -8.47 23.65
N ASP D 60 0.37 -7.95 24.48
CA ASP D 60 0.01 -7.53 25.83
C ASP D 60 -0.89 -6.30 25.86
N ARG D 61 -0.85 -5.46 24.82
CA ARG D 61 -1.66 -4.24 24.87
C ARG D 61 -3.15 -4.54 24.94
N PHE D 62 -3.56 -5.74 24.55
CA PHE D 62 -4.93 -6.19 24.73
C PHE D 62 -5.18 -6.68 26.15
N SER D 63 -6.26 -6.21 26.78
CA SER D 63 -6.61 -6.71 28.11
C SER D 63 -8.11 -6.65 28.31
N GLY D 64 -8.63 -7.56 29.14
CA GLY D 64 -10.05 -7.64 29.41
C GLY D 64 -10.37 -7.54 30.90
N SER D 65 -11.57 -7.07 31.20
CA SER D 65 -11.99 -6.96 32.58
C SER D 65 -13.51 -6.93 32.66
N GLY D 66 -14.01 -6.97 33.88
CA GLY D 66 -15.43 -6.90 34.15
C GLY D 66 -16.02 -8.27 34.45
N SER D 67 -17.28 -8.25 34.89
CA SER D 67 -17.99 -9.47 35.24
C SER D 67 -19.46 -9.13 35.39
N GLY D 68 -20.29 -10.17 35.38
CA GLY D 68 -21.72 -10.01 35.50
C GLY D 68 -22.40 -9.59 34.21
N THR D 69 -22.74 -8.31 34.10
CA THR D 69 -23.42 -7.84 32.92
C THR D 69 -22.65 -6.73 32.21
N GLU D 70 -21.44 -6.38 32.68
CA GLU D 70 -20.67 -5.28 32.09
C GLU D 70 -19.22 -5.68 31.92
N PHE D 71 -18.73 -5.62 30.69
CA PHE D 71 -17.39 -6.08 30.34
C PHE D 71 -16.69 -5.05 29.48
N THR D 72 -15.37 -5.11 29.49
CA THR D 72 -14.56 -4.11 28.81
C THR D 72 -13.33 -4.76 28.19
N LEU D 73 -13.09 -4.45 26.94
CA LEU D 73 -11.86 -4.78 26.24
C LEU D 73 -11.07 -3.50 26.06
N THR D 74 -9.83 -3.52 26.49
CA THR D 74 -8.98 -2.35 26.46
C THR D 74 -7.82 -2.61 25.52
N ILE D 75 -7.46 -1.61 24.74
CA ILE D 75 -6.24 -1.62 23.94
C ILE D 75 -5.42 -0.43 24.43
N SER D 76 -4.25 -0.71 25.03
CA SER D 76 -3.53 0.35 25.74
C SER D 76 -3.02 1.41 24.77
N SER D 77 -2.58 1.01 23.59
CA SER D 77 -2.11 1.95 22.58
C SER D 77 -2.46 1.40 21.20
N LEU D 78 -3.32 2.11 20.47
CA LEU D 78 -3.79 1.62 19.19
C LEU D 78 -2.65 1.64 18.16
N GLN D 79 -2.37 0.48 17.57
CA GLN D 79 -1.50 0.38 16.41
C GLN D 79 -2.36 0.29 15.15
N SER D 80 -1.70 0.36 14.00
CA SER D 80 -2.42 0.44 12.73
C SER D 80 -3.29 -0.81 12.50
N GLU D 81 -2.79 -1.98 12.86
CA GLU D 81 -3.55 -3.21 12.63
C GLU D 81 -4.68 -3.42 13.62
N ASP D 82 -4.85 -2.54 14.61
CA ASP D 82 -5.88 -2.66 15.64
C ASP D 82 -7.20 -2.01 15.23
N PHE D 83 -7.21 -1.26 14.13
CA PHE D 83 -8.46 -0.68 13.61
C PHE D 83 -9.15 -1.80 12.87
N ALA D 84 -10.17 -2.34 13.53
CA ALA D 84 -10.80 -3.58 13.13
C ALA D 84 -12.14 -3.66 13.85
N VAL D 85 -12.82 -4.78 13.71
CA VAL D 85 -14.10 -5.03 14.38
C VAL D 85 -13.87 -6.02 15.51
N TYR D 86 -14.46 -5.75 16.68
CA TYR D 86 -14.31 -6.56 17.87
C TYR D 86 -15.70 -7.06 18.31
N TYR D 87 -15.81 -8.35 18.54
CA TYR D 87 -17.05 -8.97 18.97
C TYR D 87 -16.86 -9.62 20.33
N CYS D 88 -17.87 -9.50 21.19
CA CYS D 88 -17.92 -10.27 22.42
C CYS D 88 -18.85 -11.47 22.22
N GLN D 89 -18.60 -12.52 22.99
CA GLN D 89 -19.35 -13.77 22.88
C GLN D 89 -19.47 -14.36 24.28
N GLN D 90 -20.69 -14.71 24.69
CA GLN D 90 -20.90 -15.36 25.98
C GLN D 90 -21.13 -16.85 25.77
N TYR D 91 -20.67 -17.63 26.76
CA TYR D 91 -20.81 -19.08 26.73
C TYR D 91 -21.30 -19.62 28.07
N TYR D 92 -21.96 -18.78 28.85
CA TYR D 92 -22.57 -19.21 30.09
C TYR D 92 -23.94 -19.82 29.86
N ASP D 93 -24.78 -19.13 29.09
CA ASP D 93 -26.16 -19.49 28.80
C ASP D 93 -26.23 -20.04 27.39
N ARG D 94 -26.53 -21.33 27.25
CA ARG D 94 -26.47 -21.96 25.95
C ARG D 94 -27.30 -23.24 25.95
N PRO D 95 -27.89 -23.61 24.82
CA PRO D 95 -27.94 -22.83 23.58
C PRO D 95 -28.95 -21.68 23.71
N PRO D 96 -28.84 -20.64 22.88
CA PRO D 96 -27.77 -20.47 21.89
C PRO D 96 -26.52 -19.80 22.47
N LEU D 97 -25.37 -20.05 21.86
CA LEU D 97 -24.23 -19.17 22.09
C LEU D 97 -24.46 -17.87 21.34
N THR D 98 -24.19 -16.74 21.99
CA THR D 98 -24.56 -15.46 21.40
C THR D 98 -23.34 -14.55 21.28
N PHE D 99 -23.35 -13.72 20.24
CA PHE D 99 -22.35 -12.70 19.97
C PHE D 99 -22.95 -11.31 20.16
N GLY D 100 -22.10 -10.37 20.52
CA GLY D 100 -22.48 -8.98 20.43
C GLY D 100 -22.53 -8.52 18.99
N GLY D 101 -23.06 -7.31 18.79
CA GLY D 101 -23.20 -6.77 17.43
C GLY D 101 -21.91 -6.31 16.78
N GLY D 102 -20.84 -6.18 17.55
CA GLY D 102 -19.57 -5.74 17.00
C GLY D 102 -19.36 -4.25 17.14
N THR D 103 -18.14 -3.86 17.53
CA THR D 103 -17.72 -2.46 17.55
C THR D 103 -16.55 -2.33 16.59
N LYS D 104 -16.63 -1.35 15.69
CA LYS D 104 -15.56 -1.06 14.76
C LYS D 104 -14.77 0.15 15.26
N VAL D 105 -13.45 0.02 15.30
CA VAL D 105 -12.59 1.09 15.76
C VAL D 105 -12.08 1.77 14.50
N GLU D 106 -12.45 3.03 14.29
CA GLU D 106 -12.09 3.74 13.08
C GLU D 106 -11.02 4.78 13.40
N ILE D 107 -10.21 5.08 12.39
CA ILE D 107 -9.11 6.02 12.56
C ILE D 107 -9.66 7.45 12.61
N LYS D 108 -9.32 8.17 13.69
CA LYS D 108 -9.70 9.56 13.79
C LYS D 108 -8.73 10.44 12.97
N ARG D 109 -9.29 11.44 12.29
CA ARG D 109 -8.48 12.40 11.56
C ARG D 109 -9.23 13.73 11.50
N THR D 110 -8.61 14.73 10.88
CA THR D 110 -9.26 16.02 10.78
C THR D 110 -10.40 15.98 9.76
N VAL D 111 -11.29 16.94 9.92
CA VAL D 111 -12.45 17.04 9.03
C VAL D 111 -11.96 17.39 7.63
N ALA D 112 -12.54 16.72 6.64
CA ALA D 112 -12.18 16.89 5.23
C ALA D 112 -13.47 17.01 4.41
N ALA D 113 -13.60 18.10 3.65
CA ALA D 113 -14.80 18.29 2.84
C ALA D 113 -14.79 17.37 1.62
N PRO D 114 -15.94 16.92 1.16
CA PRO D 114 -15.98 16.09 -0.06
C PRO D 114 -15.80 16.96 -1.30
N SER D 115 -15.16 16.37 -2.30
CA SER D 115 -15.21 16.89 -3.66
C SER D 115 -16.39 16.24 -4.36
N VAL D 116 -17.27 17.04 -4.93
CA VAL D 116 -18.57 16.55 -5.44
C VAL D 116 -18.57 16.62 -6.97
N PHE D 117 -19.01 15.52 -7.59
CA PHE D 117 -19.14 15.43 -9.03
C PHE D 117 -20.45 14.73 -9.37
N ILE D 118 -21.04 15.12 -10.50
CA ILE D 118 -22.24 14.48 -11.00
C ILE D 118 -21.96 13.97 -12.41
N PHE D 119 -22.58 12.84 -12.74
CA PHE D 119 -22.39 12.21 -14.05
C PHE D 119 -23.75 11.90 -14.64
N PRO D 120 -24.12 12.51 -15.77
CA PRO D 120 -25.36 12.11 -16.46
C PRO D 120 -25.22 10.70 -17.01
N PRO D 121 -26.32 10.03 -17.30
CA PRO D 121 -26.22 8.70 -17.93
C PRO D 121 -25.55 8.82 -19.29
N SER D 122 -24.75 7.80 -19.62
CA SER D 122 -24.08 7.79 -20.91
C SER D 122 -25.07 7.48 -22.03
N ASP D 123 -24.71 7.90 -23.25
CA ASP D 123 -25.57 7.60 -24.38
C ASP D 123 -25.66 6.09 -24.59
N GLU D 124 -24.60 5.35 -24.28
CA GLU D 124 -24.63 3.89 -24.44
C GLU D 124 -25.64 3.26 -23.50
N GLN D 125 -25.79 3.79 -22.29
CA GLN D 125 -26.81 3.26 -21.38
C GLN D 125 -28.20 3.69 -21.82
N LEU D 126 -28.35 4.93 -22.27
CA LEU D 126 -29.64 5.38 -22.77
C LEU D 126 -30.07 4.60 -24.02
N LYS D 127 -29.11 4.18 -24.83
CA LYS D 127 -29.43 3.30 -25.96
C LYS D 127 -29.82 1.89 -25.52
N SER D 128 -30.04 1.65 -24.22
CA SER D 128 -30.41 0.32 -23.72
C SER D 128 -31.60 0.36 -22.77
N GLY D 129 -32.28 1.51 -22.63
CA GLY D 129 -33.52 1.59 -21.89
C GLY D 129 -33.42 1.92 -20.42
N THR D 130 -32.24 2.33 -19.94
CA THR D 130 -32.07 2.67 -18.54
C THR D 130 -31.23 3.93 -18.41
N ALA D 131 -31.36 4.57 -17.26
CA ALA D 131 -30.67 5.82 -17.00
C ALA D 131 -30.19 5.83 -15.56
N SER D 132 -28.87 5.90 -15.38
CA SER D 132 -28.26 6.00 -14.05
C SER D 132 -27.55 7.33 -13.94
N VAL D 133 -27.92 8.11 -12.93
CA VAL D 133 -27.27 9.38 -12.64
C VAL D 133 -26.45 9.17 -11.39
N VAL D 134 -25.16 9.49 -11.48
CA VAL D 134 -24.21 9.17 -10.41
C VAL D 134 -23.78 10.46 -9.74
N CYS D 135 -23.79 10.47 -8.41
CA CYS D 135 -23.24 11.56 -7.62
C CYS D 135 -22.09 11.02 -6.79
N LEU D 136 -20.91 11.61 -6.96
CA LEU D 136 -19.69 11.16 -6.33
C LEU D 136 -19.33 12.17 -5.25
N LEU D 137 -19.02 11.66 -4.06
CA LEU D 137 -18.48 12.43 -2.96
C LEU D 137 -17.11 11.82 -2.66
N ASN D 138 -16.05 12.58 -2.91
CA ASN D 138 -14.69 12.05 -2.92
C ASN D 138 -13.88 12.58 -1.74
N ASN D 139 -13.30 11.65 -0.98
CA ASN D 139 -12.27 11.91 0.03
C ASN D 139 -12.74 12.88 1.11
N PHE D 140 -13.77 12.47 1.84
CA PHE D 140 -14.32 13.28 2.91
C PHE D 140 -14.18 12.56 4.24
N TYR D 141 -14.26 13.34 5.33
CA TYR D 141 -14.25 12.84 6.68
C TYR D 141 -14.91 13.87 7.57
N PRO D 142 -15.79 13.49 8.52
CA PRO D 142 -16.22 12.12 8.85
C PRO D 142 -17.19 11.52 7.84
N ARG D 143 -17.66 10.30 8.14
CA ARG D 143 -18.46 9.50 7.21
C ARG D 143 -19.84 10.08 6.96
N GLU D 144 -20.41 10.79 7.94
CA GLU D 144 -21.79 11.21 7.84
C GLU D 144 -21.93 12.31 6.79
N ALA D 145 -22.79 12.06 5.80
CA ALA D 145 -23.04 12.98 4.70
C ALA D 145 -24.48 12.83 4.24
N LYS D 146 -25.10 13.95 3.90
CA LYS D 146 -26.47 13.94 3.40
C LYS D 146 -26.42 14.23 1.89
N VAL D 147 -26.92 13.28 1.10
CA VAL D 147 -26.95 13.37 -0.36
C VAL D 147 -28.40 13.41 -0.78
N GLN D 148 -28.76 14.43 -1.56
CA GLN D 148 -30.15 14.75 -1.83
C GLN D 148 -30.34 14.95 -3.34
N TRP D 149 -31.23 14.16 -3.94
CA TRP D 149 -31.48 14.18 -5.38
C TRP D 149 -32.74 14.99 -5.68
N LYS D 150 -32.62 15.99 -6.54
CA LYS D 150 -33.76 16.78 -7.05
C LYS D 150 -33.83 16.71 -8.57
N VAL D 151 -35.03 16.46 -9.07
CA VAL D 151 -35.31 16.38 -10.49
C VAL D 151 -36.44 17.37 -10.78
N ASP D 152 -36.09 18.49 -11.44
CA ASP D 152 -37.04 19.58 -11.68
C ASP D 152 -37.69 20.04 -10.37
N ASN D 153 -36.90 20.06 -9.29
CA ASN D 153 -37.26 20.44 -7.92
C ASN D 153 -38.03 19.35 -7.16
N ALA D 154 -38.32 18.22 -7.79
CA ALA D 154 -38.96 17.12 -7.09
C ALA D 154 -37.92 16.21 -6.44
N LEU D 155 -38.16 15.84 -5.20
CA LEU D 155 -37.29 14.90 -4.51
C LEU D 155 -37.68 13.45 -4.71
N GLN D 156 -36.64 12.64 -4.83
CA GLN D 156 -36.67 11.25 -5.27
C GLN D 156 -36.42 10.37 -4.05
N SER D 157 -37.40 9.56 -3.69
CA SER D 157 -37.27 8.63 -2.58
C SER D 157 -37.49 7.23 -3.12
N GLY D 158 -36.61 6.30 -2.73
CA GLY D 158 -36.73 4.92 -3.11
C GLY D 158 -36.09 4.55 -4.42
N ASN D 159 -35.42 5.48 -5.10
CA ASN D 159 -34.79 5.17 -6.37
C ASN D 159 -33.32 5.56 -6.40
N SER D 160 -32.69 5.69 -5.23
CA SER D 160 -31.26 5.90 -5.16
C SER D 160 -30.66 4.93 -4.13
N GLN D 161 -29.40 4.58 -4.34
CA GLN D 161 -28.65 3.71 -3.44
C GLN D 161 -27.27 4.30 -3.28
N GLU D 162 -26.80 4.33 -2.03
CA GLU D 162 -25.48 4.82 -1.68
C GLU D 162 -24.53 3.65 -1.47
N SER D 163 -23.26 3.89 -1.77
CA SER D 163 -22.18 2.95 -1.52
C SER D 163 -20.98 3.75 -1.03
N VAL D 164 -20.35 3.28 0.06
CA VAL D 164 -19.28 3.99 0.76
C VAL D 164 -18.05 3.10 0.84
N THR D 165 -16.89 3.65 0.53
CA THR D 165 -15.65 2.88 0.66
C THR D 165 -15.22 2.79 2.12
N GLU D 166 -14.32 1.83 2.38
CA GLU D 166 -13.64 1.78 3.66
C GLU D 166 -12.68 2.95 3.77
N GLN D 167 -12.20 3.22 4.99
CA GLN D 167 -11.23 4.30 5.19
C GLN D 167 -10.02 4.08 4.28
N ASP D 168 -9.63 5.14 3.59
CA ASP D 168 -8.50 5.04 2.68
C ASP D 168 -7.24 4.64 3.44
N SER D 169 -6.43 3.76 2.84
CA SER D 169 -5.25 3.27 3.55
C SER D 169 -4.23 4.38 3.78
N LYS D 170 -4.21 5.39 2.93
CA LYS D 170 -3.23 6.47 3.05
C LYS D 170 -3.75 7.63 3.91
N ASP D 171 -4.90 8.20 3.56
CA ASP D 171 -5.35 9.42 4.22
C ASP D 171 -6.58 9.24 5.10
N SER D 172 -7.07 8.00 5.23
CA SER D 172 -8.15 7.63 6.15
C SER D 172 -9.48 8.33 5.85
N THR D 173 -9.70 8.83 4.62
CA THR D 173 -10.98 9.44 4.25
C THR D 173 -11.92 8.41 3.66
N TYR D 174 -13.17 8.82 3.47
CA TYR D 174 -14.19 8.03 2.81
C TYR D 174 -14.51 8.65 1.45
N SER D 175 -15.05 7.81 0.56
CA SER D 175 -15.67 8.28 -0.66
C SER D 175 -17.03 7.62 -0.78
N LEU D 176 -17.97 8.33 -1.40
CA LEU D 176 -19.33 7.83 -1.47
C LEU D 176 -19.89 8.09 -2.85
N SER D 177 -20.65 7.14 -3.35
CA SER D 177 -21.38 7.28 -4.60
C SER D 177 -22.86 7.10 -4.29
N SER D 178 -23.67 8.02 -4.82
CA SER D 178 -25.12 7.92 -4.79
C SER D 178 -25.58 7.80 -6.24
N THR D 179 -26.34 6.74 -6.53
CA THR D 179 -26.76 6.43 -7.89
C THR D 179 -28.27 6.51 -7.98
N LEU D 180 -28.77 7.42 -8.81
CA LEU D 180 -30.19 7.56 -9.07
C LEU D 180 -30.57 6.71 -10.28
N THR D 181 -31.46 5.75 -10.08
CA THR D 181 -31.83 4.83 -11.15
C THR D 181 -33.24 5.19 -11.63
N LEU D 182 -33.34 5.56 -12.90
CA LEU D 182 -34.61 5.84 -13.55
C LEU D 182 -34.70 5.03 -14.83
N SER D 183 -35.93 4.76 -15.25
CA SER D 183 -36.12 4.24 -16.59
C SER D 183 -35.77 5.32 -17.60
N LYS D 184 -35.38 4.89 -18.80
CA LYS D 184 -35.03 5.87 -19.81
C LYS D 184 -36.22 6.77 -20.09
N ALA D 185 -37.43 6.20 -20.06
CA ALA D 185 -38.64 7.00 -20.25
C ALA D 185 -38.74 8.11 -19.21
N ASP D 186 -38.67 7.74 -17.92
CA ASP D 186 -38.78 8.74 -16.85
C ASP D 186 -37.66 9.77 -16.95
N TYR D 187 -36.48 9.35 -17.37
CA TYR D 187 -35.35 10.27 -17.43
C TYR D 187 -35.56 11.34 -18.48
N GLU D 188 -36.22 11.02 -19.60
CA GLU D 188 -36.38 12.04 -20.64
C GLU D 188 -37.55 12.98 -20.37
N LYS D 189 -38.38 12.70 -19.37
CA LYS D 189 -39.49 13.59 -19.02
C LYS D 189 -39.05 14.86 -18.29
N HIS D 190 -37.80 14.96 -17.84
CA HIS D 190 -37.36 16.09 -17.01
C HIS D 190 -36.05 16.64 -17.52
N LYS D 191 -35.74 17.88 -17.10
CA LYS D 191 -34.60 18.62 -17.61
C LYS D 191 -33.46 18.76 -16.61
N VAL D 192 -33.74 19.24 -15.40
CA VAL D 192 -32.68 19.59 -14.44
C VAL D 192 -32.52 18.46 -13.44
N TYR D 193 -31.32 17.87 -13.39
CA TYR D 193 -30.97 16.82 -12.44
C TYR D 193 -29.89 17.38 -11.52
N ALA D 194 -30.16 17.37 -10.21
CA ALA D 194 -29.29 17.98 -9.22
C ALA D 194 -29.03 17.01 -8.06
N CYS D 195 -27.81 17.04 -7.58
CA CYS D 195 -27.38 16.32 -6.38
C CYS D 195 -26.88 17.37 -5.40
N GLU D 196 -27.50 17.45 -4.22
CA GLU D 196 -27.09 18.40 -3.20
C GLU D 196 -26.46 17.67 -2.02
N VAL D 197 -25.30 18.15 -1.57
CA VAL D 197 -24.52 17.44 -0.56
C VAL D 197 -24.36 18.34 0.64
N THR D 198 -24.74 17.83 1.81
CA THR D 198 -24.53 18.51 3.09
C THR D 198 -23.49 17.74 3.90
N HIS D 199 -22.44 18.44 4.33
CA HIS D 199 -21.38 17.79 5.08
C HIS D 199 -20.75 18.81 6.01
N GLN D 200 -20.33 18.30 7.16
CA GLN D 200 -19.78 19.12 8.22
C GLN D 200 -18.62 19.97 7.71
N GLY D 201 -17.79 19.41 6.82
CA GLY D 201 -16.66 20.15 6.30
C GLY D 201 -17.02 21.26 5.30
N LEU D 202 -18.29 21.37 4.89
CA LEU D 202 -18.75 22.40 3.96
C LEU D 202 -19.39 23.55 4.72
N SER D 203 -18.94 24.78 4.43
CA SER D 203 -19.58 25.94 5.04
C SER D 203 -20.98 26.17 4.49
N SER D 204 -21.31 25.52 3.38
CA SER D 204 -22.63 25.63 2.77
C SER D 204 -22.85 24.37 1.95
N PRO D 205 -24.09 23.86 1.89
CA PRO D 205 -24.34 22.68 1.05
C PRO D 205 -23.90 22.93 -0.38
N VAL D 206 -23.32 21.92 -0.99
CA VAL D 206 -22.78 22.02 -2.34
C VAL D 206 -23.73 21.29 -3.26
N THR D 207 -24.06 21.92 -4.40
CA THR D 207 -24.97 21.33 -5.38
C THR D 207 -24.28 21.21 -6.73
N LYS D 208 -24.39 20.04 -7.34
CA LYS D 208 -23.96 19.85 -8.71
C LYS D 208 -25.16 19.44 -9.55
N SER D 209 -25.31 20.04 -10.73
CA SER D 209 -26.48 19.77 -11.55
C SER D 209 -26.11 19.82 -13.03
N PHE D 210 -27.03 19.32 -13.85
CA PHE D 210 -26.91 19.40 -15.29
C PHE D 210 -28.31 19.40 -15.90
N ASN D 211 -28.44 20.04 -17.05
CA ASN D 211 -29.65 19.96 -17.86
C ASN D 211 -29.49 18.79 -18.84
N ARG D 212 -30.53 17.97 -18.95
CA ARG D 212 -30.48 16.78 -19.81
C ARG D 212 -29.99 17.08 -21.22
N GLY D 213 -30.16 18.31 -21.70
CA GLY D 213 -29.60 18.68 -22.99
C GLY D 213 -28.09 18.71 -22.92
N GLU D 214 -27.55 19.80 -22.38
CA GLU D 214 -26.14 19.94 -22.02
C GLU D 214 -25.87 21.30 -21.39
N ASP E 1 -0.29 -27.26 15.09
CA ASP E 1 -0.58 -26.53 13.87
C ASP E 1 -2.00 -26.85 13.36
N VAL E 2 -2.99 -26.31 14.06
CA VAL E 2 -4.40 -26.55 13.72
C VAL E 2 -4.74 -25.83 12.42
N GLN E 3 -5.44 -26.53 11.52
CA GLN E 3 -5.89 -25.99 10.25
C GLN E 3 -7.30 -26.49 9.97
N LEU E 4 -8.15 -25.60 9.45
CA LEU E 4 -9.53 -25.93 9.08
C LEU E 4 -9.81 -25.33 7.72
N VAL E 5 -10.07 -26.18 6.72
CA VAL E 5 -10.28 -25.74 5.34
C VAL E 5 -11.74 -25.99 4.97
N GLU E 6 -12.43 -24.94 4.57
CA GLU E 6 -13.84 -25.05 4.23
C GLU E 6 -14.04 -25.09 2.73
N SER E 7 -15.18 -25.64 2.32
CA SER E 7 -15.50 -25.84 0.92
C SER E 7 -16.99 -26.13 0.82
N GLY E 8 -17.51 -26.07 -0.39
CA GLY E 8 -18.90 -26.35 -0.66
C GLY E 8 -19.74 -25.12 -0.97
N GLY E 9 -19.22 -23.92 -0.68
CA GLY E 9 -20.01 -22.72 -0.88
C GLY E 9 -20.27 -22.43 -2.36
N GLY E 10 -21.37 -21.75 -2.62
CA GLY E 10 -21.70 -21.39 -3.99
C GLY E 10 -23.03 -20.66 -4.05
N VAL E 11 -23.53 -20.56 -5.27
CA VAL E 11 -24.81 -19.92 -5.54
C VAL E 11 -25.89 -21.00 -5.65
N VAL E 12 -26.98 -20.83 -4.91
CA VAL E 12 -28.15 -21.70 -4.99
C VAL E 12 -29.41 -20.85 -5.00
N ARG E 13 -30.50 -21.45 -5.46
CA ARG E 13 -31.78 -20.76 -5.48
C ARG E 13 -32.52 -20.95 -4.18
N PRO E 14 -33.47 -20.08 -3.88
CA PRO E 14 -34.28 -20.29 -2.68
C PRO E 14 -35.00 -21.62 -2.75
N GLY E 15 -35.00 -22.30 -1.62
CA GLY E 15 -35.65 -23.58 -1.49
C GLY E 15 -34.80 -24.78 -1.85
N GLU E 16 -33.63 -24.62 -2.44
CA GLU E 16 -32.96 -25.86 -2.74
C GLU E 16 -31.95 -26.10 -1.62
N SER E 17 -30.99 -27.00 -1.85
CA SER E 17 -30.15 -27.53 -0.77
C SER E 17 -28.68 -27.39 -1.11
N LEU E 18 -27.87 -27.31 -0.05
CA LEU E 18 -26.42 -27.23 -0.15
C LEU E 18 -25.80 -27.94 1.04
N ARG E 19 -24.53 -28.29 0.90
CA ARG E 19 -23.80 -28.97 1.95
C ARG E 19 -22.39 -28.41 2.00
N LEU E 20 -21.97 -27.97 3.19
CA LEU E 20 -20.64 -27.44 3.41
C LEU E 20 -19.78 -28.47 4.13
N SER E 21 -18.47 -28.43 3.86
CA SER E 21 -17.49 -29.33 4.46
C SER E 21 -16.39 -28.52 5.14
N CYS E 22 -15.89 -29.05 6.26
CA CYS E 22 -14.80 -28.42 6.99
C CYS E 22 -13.76 -29.51 7.29
N ALA E 23 -12.66 -29.52 6.54
CA ALA E 23 -11.62 -30.53 6.71
C ALA E 23 -10.62 -30.06 7.77
N ALA E 24 -10.42 -30.88 8.79
CA ALA E 24 -9.56 -30.54 9.91
C ALA E 24 -8.23 -31.29 9.81
N SER E 25 -7.21 -30.73 10.45
CA SER E 25 -5.89 -31.35 10.51
C SER E 25 -5.08 -30.68 11.61
N GLY E 26 -4.09 -31.41 12.12
CA GLY E 26 -3.22 -30.89 13.15
C GLY E 26 -3.69 -31.10 14.57
N PHE E 27 -4.75 -31.86 14.78
CA PHE E 27 -5.24 -32.16 16.12
C PHE E 27 -6.10 -33.40 16.03
N THR E 28 -6.37 -33.99 17.20
CA THR E 28 -7.25 -35.16 17.26
C THR E 28 -8.68 -34.66 17.13
N PHE E 29 -9.21 -34.74 15.91
CA PHE E 29 -10.50 -34.16 15.58
C PHE E 29 -11.62 -34.69 16.47
N SER E 30 -11.56 -35.98 16.81
CA SER E 30 -12.69 -36.63 17.45
C SER E 30 -12.93 -36.13 18.88
N SER E 31 -11.96 -35.47 19.50
CA SER E 31 -12.12 -35.07 20.89
C SER E 31 -12.44 -33.58 21.04
N TYR E 32 -12.90 -32.92 19.96
CA TYR E 32 -13.22 -31.50 20.03
C TYR E 32 -14.63 -31.24 19.54
N ASP E 33 -15.34 -30.36 20.24
CA ASP E 33 -16.62 -29.89 19.74
C ASP E 33 -16.40 -28.91 18.61
N MET E 34 -17.25 -28.98 17.59
CA MET E 34 -17.13 -28.16 16.40
C MET E 34 -18.37 -27.31 16.21
N ASN E 35 -18.18 -26.11 15.66
CA ASN E 35 -19.28 -25.17 15.51
C ASN E 35 -19.29 -24.63 14.09
N TRP E 36 -20.47 -24.21 13.65
CA TRP E 36 -20.63 -23.40 12.45
C TRP E 36 -21.09 -22.00 12.87
N VAL E 37 -20.41 -20.98 12.37
CA VAL E 37 -20.73 -19.58 12.62
C VAL E 37 -20.82 -18.87 11.27
N ARG E 38 -21.83 -18.04 11.08
CA ARG E 38 -22.01 -17.36 9.81
C ARG E 38 -22.01 -15.84 9.98
N GLN E 39 -21.71 -15.15 8.89
CA GLN E 39 -21.68 -13.69 8.88
C GLN E 39 -22.22 -13.19 7.54
N ALA E 40 -23.45 -12.69 7.56
CA ALA E 40 -24.06 -12.08 6.38
C ALA E 40 -23.25 -10.84 5.97
N PRO E 41 -23.27 -10.48 4.68
CA PRO E 41 -22.46 -9.34 4.21
C PRO E 41 -22.81 -8.06 4.95
N GLY E 42 -21.79 -7.45 5.56
CA GLY E 42 -21.96 -6.22 6.31
C GLY E 42 -22.52 -6.37 7.70
N GLU E 43 -22.89 -7.56 8.12
CA GLU E 43 -23.52 -7.77 9.41
C GLU E 43 -22.52 -8.44 10.37
N GLY E 44 -23.02 -8.82 11.55
CA GLY E 44 -22.17 -9.37 12.59
C GLY E 44 -22.15 -10.90 12.60
N LEU E 45 -21.37 -11.43 13.53
CA LEU E 45 -21.23 -12.88 13.65
C LEU E 45 -22.48 -13.47 14.27
N GLU E 46 -22.92 -14.62 13.74
CA GLU E 46 -24.12 -15.29 14.23
C GLU E 46 -23.80 -16.77 14.35
N TRP E 47 -23.99 -17.33 15.55
CA TRP E 47 -23.76 -18.75 15.78
C TRP E 47 -24.87 -19.57 15.14
N VAL E 48 -24.49 -20.65 14.48
CA VAL E 48 -25.42 -21.47 13.70
C VAL E 48 -25.69 -22.81 14.37
N SER E 49 -24.64 -23.58 14.68
CA SER E 49 -24.83 -24.93 15.19
C SER E 49 -23.53 -25.45 15.81
N LEU E 50 -23.67 -26.50 16.61
CA LEU E 50 -22.54 -27.17 17.23
C LEU E 50 -22.83 -28.65 17.37
N ILE E 51 -21.77 -29.44 17.27
CA ILE E 51 -21.85 -30.89 17.42
C ILE E 51 -20.68 -31.34 18.28
N SER E 52 -20.96 -32.13 19.31
CA SER E 52 -19.91 -32.61 20.20
C SER E 52 -18.96 -33.53 19.44
N GLY E 53 -17.78 -33.76 20.03
CA GLY E 53 -16.80 -34.62 19.38
C GLY E 53 -17.34 -36.00 19.06
N SER E 54 -18.15 -36.56 19.96
CA SER E 54 -18.76 -37.86 19.74
C SER E 54 -19.93 -37.81 18.76
N GLY E 55 -20.52 -36.63 18.53
CA GLY E 55 -21.62 -36.49 17.62
C GLY E 55 -23.00 -36.65 18.25
N GLU E 56 -23.08 -36.83 19.57
CA GLU E 56 -24.32 -37.10 20.29
C GLU E 56 -24.93 -35.87 20.95
N ILE E 57 -24.19 -34.77 21.08
CA ILE E 57 -24.74 -33.49 21.52
C ILE E 57 -24.74 -32.55 20.32
N ILE E 58 -25.93 -32.07 19.94
CA ILE E 58 -26.12 -31.20 18.79
C ILE E 58 -27.06 -30.07 19.16
N TYR E 59 -26.70 -28.82 18.83
CA TYR E 59 -27.60 -27.69 19.01
C TYR E 59 -27.69 -26.87 17.73
N TYR E 60 -28.84 -26.20 17.56
CA TYR E 60 -29.08 -25.35 16.41
C TYR E 60 -29.58 -23.97 16.85
N ALA E 61 -29.21 -22.95 16.08
CA ALA E 61 -29.80 -21.64 16.27
C ALA E 61 -31.28 -21.69 15.83
N ASP E 62 -32.10 -20.86 16.48
CA ASP E 62 -33.54 -20.91 16.21
C ASP E 62 -33.85 -20.62 14.75
N SER E 63 -33.06 -19.73 14.13
CA SER E 63 -33.28 -19.33 12.75
C SER E 63 -33.03 -20.44 11.75
N VAL E 64 -32.36 -21.52 12.16
CA VAL E 64 -32.07 -22.62 11.25
C VAL E 64 -32.62 -23.94 11.72
N LYS E 65 -33.28 -23.97 12.89
CA LYS E 65 -33.85 -25.21 13.42
C LYS E 65 -34.87 -25.79 12.44
N GLY E 66 -34.71 -27.09 12.14
CA GLY E 66 -35.61 -27.78 11.24
C GLY E 66 -35.22 -27.67 9.78
N ARG E 67 -34.27 -26.82 9.45
CA ARG E 67 -33.79 -26.66 8.08
C ARG E 67 -32.34 -27.09 7.92
N PHE E 68 -31.49 -26.78 8.87
CA PHE E 68 -30.08 -27.13 8.80
C PHE E 68 -29.82 -28.39 9.63
N THR E 69 -28.89 -29.22 9.16
CA THR E 69 -28.44 -30.41 9.87
C THR E 69 -26.92 -30.41 9.91
N ILE E 70 -26.37 -30.47 11.12
CA ILE E 70 -24.93 -30.57 11.33
C ILE E 70 -24.56 -32.03 11.57
N SER E 71 -23.38 -32.42 11.13
CA SER E 71 -22.92 -33.79 11.32
C SER E 71 -21.41 -33.82 11.08
N ARG E 72 -20.79 -34.93 11.48
CA ARG E 72 -19.35 -35.08 11.32
C ARG E 72 -19.00 -36.51 10.94
N ASP E 73 -17.83 -36.66 10.34
CA ASP E 73 -17.25 -37.96 9.98
C ASP E 73 -15.86 -37.98 10.59
N ASN E 74 -15.76 -38.56 11.78
CA ASN E 74 -14.50 -38.56 12.51
C ASN E 74 -13.41 -39.35 11.81
N SER E 75 -13.78 -40.38 11.04
CA SER E 75 -12.76 -41.15 10.32
C SER E 75 -12.07 -40.32 9.24
N LYS E 76 -12.76 -39.30 8.71
CA LYS E 76 -12.23 -38.46 7.65
C LYS E 76 -11.88 -37.06 8.12
N ASN E 77 -12.01 -36.78 9.42
CA ASN E 77 -11.63 -35.49 10.01
C ASN E 77 -12.40 -34.33 9.35
N THR E 78 -13.66 -34.58 8.97
CA THR E 78 -14.47 -33.60 8.26
C THR E 78 -15.76 -33.29 9.03
N LEU E 79 -16.08 -32.00 9.16
CA LEU E 79 -17.37 -31.53 9.66
C LEU E 79 -18.27 -31.08 8.52
N TYR E 80 -19.57 -31.35 8.65
CA TYR E 80 -20.51 -30.99 7.59
C TYR E 80 -21.66 -30.13 8.11
N LEU E 81 -22.20 -29.30 7.22
CA LEU E 81 -23.44 -28.59 7.46
C LEU E 81 -24.35 -28.80 6.25
N GLN E 82 -25.48 -29.46 6.48
CA GLN E 82 -26.48 -29.70 5.45
C GLN E 82 -27.55 -28.61 5.56
N MET E 83 -27.60 -27.72 4.59
CA MET E 83 -28.55 -26.63 4.56
C MET E 83 -29.67 -26.95 3.58
N ASN E 84 -30.91 -26.94 4.08
CA ASN E 84 -32.08 -27.23 3.27
C ASN E 84 -33.02 -26.04 3.27
N SER E 85 -33.83 -25.94 2.22
CA SER E 85 -34.82 -24.88 2.05
C SER E 85 -34.22 -23.50 2.34
N LEU E 86 -33.18 -23.18 1.57
CA LEU E 86 -32.43 -21.96 1.81
C LEU E 86 -33.23 -20.72 1.46
N ARG E 87 -33.02 -19.65 2.23
CA ARG E 87 -33.67 -18.37 2.07
C ARG E 87 -32.63 -17.32 1.73
N ALA E 88 -33.08 -16.16 1.27
CA ALA E 88 -32.14 -15.10 0.92
C ALA E 88 -31.29 -14.70 2.11
N GLU E 89 -31.90 -14.61 3.30
CA GLU E 89 -31.18 -14.23 4.51
C GLU E 89 -30.11 -15.24 4.91
N ASP E 90 -30.08 -16.43 4.31
CA ASP E 90 -29.02 -17.39 4.61
C ASP E 90 -27.73 -17.05 3.89
N THR E 91 -27.75 -16.03 3.03
CA THR E 91 -26.53 -15.60 2.34
C THR E 91 -25.54 -15.06 3.37
N ALA E 92 -24.33 -15.64 3.39
CA ALA E 92 -23.35 -15.29 4.39
C ALA E 92 -22.04 -16.01 4.09
N VAL E 93 -20.98 -15.57 4.74
CA VAL E 93 -19.79 -16.40 4.84
C VAL E 93 -19.97 -17.36 6.00
N TYR E 94 -19.77 -18.65 5.76
CA TYR E 94 -19.93 -19.67 6.79
C TYR E 94 -18.54 -20.10 7.26
N TYR E 95 -18.29 -20.01 8.56
CA TYR E 95 -17.04 -20.42 9.19
C TYR E 95 -17.27 -21.66 10.03
N CYS E 96 -16.30 -22.57 10.04
CA CYS E 96 -16.27 -23.61 11.05
C CYS E 96 -15.27 -23.18 12.12
N ALA E 97 -15.61 -23.45 13.37
CA ALA E 97 -14.79 -23.05 14.51
C ALA E 97 -14.62 -24.24 15.43
N LYS E 98 -13.43 -24.38 15.98
CA LYS E 98 -13.13 -25.45 16.94
C LYS E 98 -13.25 -24.90 18.35
N GLU E 99 -13.96 -25.62 19.22
CA GLU E 99 -14.11 -25.13 20.59
C GLU E 99 -12.89 -25.41 21.44
N ASN E 100 -12.78 -24.64 22.51
CA ASN E 100 -11.87 -24.93 23.61
C ASN E 100 -12.30 -26.21 24.32
N ASN E 101 -11.33 -26.93 24.90
CA ASN E 101 -11.69 -28.20 25.53
C ASN E 101 -12.50 -27.99 26.80
N ARG E 102 -12.27 -26.91 27.52
CA ARG E 102 -13.21 -26.72 28.61
C ARG E 102 -14.42 -25.88 28.24
N TYR E 103 -14.26 -24.78 27.54
CA TYR E 103 -15.40 -23.88 27.45
C TYR E 103 -15.88 -23.72 26.00
N ARG E 104 -17.09 -23.20 25.87
CA ARG E 104 -17.73 -23.04 24.56
C ARG E 104 -17.33 -21.72 23.90
N PHE E 105 -16.02 -21.45 23.86
CA PHE E 105 -15.49 -20.38 23.05
C PHE E 105 -14.59 -20.99 21.99
N PHE E 106 -14.22 -20.19 21.00
CA PHE E 106 -13.63 -20.71 19.76
C PHE E 106 -12.15 -20.35 19.68
N ASP E 107 -11.30 -21.38 19.75
CA ASP E 107 -9.85 -21.28 19.70
C ASP E 107 -9.33 -21.13 18.27
N ASP E 108 -9.96 -21.82 17.31
CA ASP E 108 -9.47 -21.80 15.94
C ASP E 108 -10.63 -21.71 14.96
N TRP E 109 -10.37 -21.09 13.81
CA TRP E 109 -11.40 -20.81 12.81
C TRP E 109 -10.93 -21.23 11.42
N GLY E 110 -11.90 -21.66 10.58
CA GLY E 110 -11.61 -21.84 9.18
C GLY E 110 -11.54 -20.50 8.43
N GLN E 111 -11.17 -20.59 7.16
CA GLN E 111 -11.04 -19.38 6.34
C GLN E 111 -12.40 -18.85 5.87
N GLY E 112 -13.46 -19.61 6.02
CA GLY E 112 -14.80 -19.23 5.59
C GLY E 112 -15.09 -19.65 4.16
N THR E 113 -16.36 -19.92 3.89
CA THR E 113 -16.83 -20.22 2.54
C THR E 113 -18.14 -19.48 2.32
N LEU E 114 -18.32 -18.92 1.13
CA LEU E 114 -19.41 -17.96 0.91
C LEU E 114 -20.59 -18.69 0.30
N VAL E 115 -21.78 -18.50 0.87
CA VAL E 115 -23.03 -19.06 0.36
C VAL E 115 -23.90 -17.89 -0.08
N THR E 116 -24.28 -17.88 -1.35
CA THR E 116 -25.18 -16.88 -1.93
C THR E 116 -26.48 -17.54 -2.33
N VAL E 117 -27.58 -17.16 -1.68
CA VAL E 117 -28.90 -17.68 -2.02
C VAL E 117 -29.59 -16.60 -2.85
N SER E 118 -29.81 -16.93 -4.13
CA SER E 118 -30.33 -15.96 -5.09
C SER E 118 -31.02 -16.72 -6.22
N SER E 119 -32.03 -16.09 -6.81
CA SER E 119 -32.72 -16.66 -7.96
C SER E 119 -32.12 -16.20 -9.29
N ALA E 120 -31.22 -15.23 -9.26
CA ALA E 120 -30.61 -14.70 -10.46
C ALA E 120 -29.75 -15.75 -11.14
N SER E 121 -29.50 -15.52 -12.43
CA SER E 121 -28.64 -16.37 -13.23
C SER E 121 -27.36 -15.63 -13.57
N THR E 122 -26.32 -16.41 -13.85
CA THR E 122 -25.02 -15.84 -14.19
C THR E 122 -25.17 -14.88 -15.36
N LYS E 123 -24.69 -13.65 -15.18
CA LYS E 123 -24.81 -12.63 -16.21
C LYS E 123 -23.62 -11.71 -16.15
N GLY E 124 -23.03 -11.43 -17.31
CA GLY E 124 -21.93 -10.52 -17.42
C GLY E 124 -22.38 -9.07 -17.33
N PRO E 125 -21.47 -8.18 -16.93
CA PRO E 125 -21.84 -6.78 -16.73
C PRO E 125 -21.71 -5.94 -17.98
N SER E 126 -22.62 -4.98 -18.10
CA SER E 126 -22.46 -3.90 -19.05
C SER E 126 -21.67 -2.78 -18.38
N VAL E 127 -20.74 -2.20 -19.12
CA VAL E 127 -19.86 -1.17 -18.62
C VAL E 127 -20.11 0.11 -19.39
N PHE E 128 -20.47 1.18 -18.68
CA PHE E 128 -20.79 2.48 -19.24
C PHE E 128 -19.81 3.52 -18.72
N PRO E 129 -19.46 4.51 -19.54
CA PRO E 129 -18.50 5.53 -19.09
C PRO E 129 -19.17 6.62 -18.26
N LEU E 130 -18.42 7.11 -17.28
CA LEU E 130 -18.77 8.32 -16.54
C LEU E 130 -17.83 9.41 -17.04
N ALA E 131 -18.30 10.20 -18.00
CA ALA E 131 -17.42 11.14 -18.69
C ALA E 131 -17.10 12.33 -17.78
N PRO E 132 -15.84 12.80 -17.79
CA PRO E 132 -15.51 13.99 -17.01
C PRO E 132 -16.27 15.21 -17.51
N SER E 133 -16.69 16.06 -16.59
CA SER E 133 -17.52 17.21 -16.94
C SER E 133 -16.69 18.34 -17.55
N SER E 134 -17.26 18.98 -18.56
CA SER E 134 -16.61 20.09 -19.25
C SER E 134 -16.93 21.44 -18.60
N GLY E 140 -8.54 22.89 -12.74
CA GLY E 140 -8.19 22.20 -11.51
C GLY E 140 -8.01 20.70 -11.70
N THR E 141 -8.79 19.92 -10.96
CA THR E 141 -8.78 18.47 -11.03
C THR E 141 -10.15 17.96 -11.46
N ALA E 142 -10.16 16.82 -12.15
CA ALA E 142 -11.38 16.30 -12.76
C ALA E 142 -11.58 14.83 -12.40
N ALA E 143 -12.83 14.41 -12.39
CA ALA E 143 -13.22 13.06 -12.04
C ALA E 143 -13.88 12.37 -13.22
N LEU E 144 -13.58 11.08 -13.35
CA LEU E 144 -14.18 10.22 -14.37
C LEU E 144 -14.20 8.79 -13.84
N GLY E 145 -15.04 7.97 -14.45
CA GLY E 145 -15.13 6.60 -14.02
C GLY E 145 -15.94 5.78 -15.00
N CYS E 146 -16.25 4.56 -14.60
CA CYS E 146 -17.10 3.68 -15.40
C CYS E 146 -18.06 2.93 -14.48
N LEU E 147 -19.29 2.81 -14.93
CA LEU E 147 -20.37 2.16 -14.20
C LEU E 147 -20.49 0.71 -14.65
N VAL E 148 -20.38 -0.21 -13.70
CA VAL E 148 -20.38 -1.65 -13.96
C VAL E 148 -21.70 -2.19 -13.42
N LYS E 149 -22.69 -2.33 -14.32
CA LYS E 149 -24.09 -2.51 -13.93
C LYS E 149 -24.61 -3.86 -14.38
N ASP E 150 -25.47 -4.46 -13.54
CA ASP E 150 -26.30 -5.62 -13.88
C ASP E 150 -25.44 -6.83 -14.21
N TYR E 151 -24.80 -7.35 -13.16
CA TYR E 151 -24.05 -8.59 -13.24
C TYR E 151 -24.41 -9.47 -12.06
N PHE E 152 -24.13 -10.77 -12.22
CA PHE E 152 -24.33 -11.77 -11.19
C PHE E 152 -23.53 -12.99 -11.59
N PRO E 153 -22.88 -13.68 -10.65
CA PRO E 153 -22.81 -13.25 -9.25
C PRO E 153 -21.56 -12.40 -9.02
N GLU E 154 -21.29 -12.06 -7.76
CA GLU E 154 -20.05 -11.39 -7.41
C GLU E 154 -18.87 -12.37 -7.49
N PRO E 155 -17.64 -11.87 -7.70
CA PRO E 155 -17.22 -10.47 -7.82
C PRO E 155 -16.94 -10.00 -9.24
N VAL E 156 -16.63 -8.71 -9.33
CA VAL E 156 -16.07 -8.11 -10.53
C VAL E 156 -14.74 -7.46 -10.15
N THR E 157 -13.80 -7.43 -11.10
CA THR E 157 -12.52 -6.75 -10.92
C THR E 157 -12.45 -5.55 -11.86
N VAL E 158 -11.92 -4.45 -11.35
CA VAL E 158 -11.74 -3.24 -12.15
C VAL E 158 -10.31 -2.77 -11.99
N SER E 159 -9.65 -2.49 -13.12
CA SER E 159 -8.36 -1.82 -13.13
C SER E 159 -8.42 -0.65 -14.10
N TRP E 160 -7.46 0.26 -13.99
CA TRP E 160 -7.43 1.45 -14.83
C TRP E 160 -6.12 1.50 -15.60
N ASN E 161 -6.25 1.63 -16.93
CA ASN E 161 -5.12 1.61 -17.86
C ASN E 161 -4.30 0.33 -17.68
N SER E 162 -4.99 -0.74 -17.33
CA SER E 162 -4.37 -2.07 -17.16
C SER E 162 -3.43 -2.09 -15.95
N GLY E 163 -3.89 -1.57 -14.83
CA GLY E 163 -3.03 -1.44 -13.70
C GLY E 163 -2.12 -0.22 -13.79
N ALA E 164 -2.13 0.42 -14.97
CA ALA E 164 -1.27 1.55 -15.06
C ALA E 164 -1.76 2.75 -14.24
N LEU E 165 -3.01 2.76 -13.77
CA LEU E 165 -3.53 3.91 -13.02
C LEU E 165 -4.05 3.36 -11.72
N THR E 166 -3.34 3.62 -10.64
CA THR E 166 -3.74 3.10 -9.34
C THR E 166 -3.97 4.20 -8.32
N SER E 167 -3.30 5.34 -8.43
CA SER E 167 -3.43 6.39 -7.44
C SER E 167 -4.69 7.21 -7.72
N GLY E 168 -5.49 7.47 -6.67
CA GLY E 168 -6.72 8.20 -6.82
C GLY E 168 -7.91 7.37 -7.28
N VAL E 169 -7.77 6.05 -7.30
CA VAL E 169 -8.83 5.16 -7.76
C VAL E 169 -9.64 4.71 -6.57
N HIS E 170 -10.96 4.81 -6.69
CA HIS E 170 -11.89 4.29 -5.70
C HIS E 170 -12.86 3.38 -6.45
N THR E 171 -12.91 2.12 -6.08
CA THR E 171 -13.86 1.19 -6.65
C THR E 171 -14.86 0.81 -5.55
N PHE E 172 -16.11 1.26 -5.71
CA PHE E 172 -17.06 1.16 -4.61
C PHE E 172 -17.54 -0.28 -4.41
N PRO E 173 -17.96 -0.63 -3.21
CA PRO E 173 -18.55 -1.96 -3.00
C PRO E 173 -19.80 -2.13 -3.83
N ALA E 174 -19.98 -3.35 -4.32
CA ALA E 174 -21.14 -3.68 -5.14
C ALA E 174 -22.40 -3.58 -4.30
N VAL E 175 -23.48 -3.11 -4.93
CA VAL E 175 -24.79 -3.00 -4.30
C VAL E 175 -25.75 -3.94 -5.04
N LEU E 176 -26.55 -4.68 -4.28
CA LEU E 176 -27.54 -5.59 -4.85
C LEU E 176 -28.84 -4.82 -5.10
N GLN E 177 -29.18 -4.63 -6.37
CA GLN E 177 -30.42 -3.97 -6.71
C GLN E 177 -31.61 -4.90 -6.53
N SER E 178 -32.81 -4.32 -6.65
CA SER E 178 -34.02 -5.09 -6.42
C SER E 178 -34.20 -6.20 -7.45
N SER E 179 -33.52 -6.09 -8.60
CA SER E 179 -33.59 -7.09 -9.67
C SER E 179 -32.80 -8.36 -9.36
N GLY E 180 -32.08 -8.42 -8.24
CA GLY E 180 -31.22 -9.54 -7.95
C GLY E 180 -29.83 -9.46 -8.56
N LEU E 181 -29.56 -8.46 -9.40
CA LEU E 181 -28.24 -8.26 -9.97
C LEU E 181 -27.48 -7.17 -9.21
N TYR E 182 -26.17 -7.18 -9.37
CA TYR E 182 -25.29 -6.27 -8.66
C TYR E 182 -24.85 -5.16 -9.60
N SER E 183 -24.54 -3.99 -9.03
CA SER E 183 -23.97 -2.88 -9.78
C SER E 183 -22.98 -2.13 -8.91
N LEU E 184 -22.17 -1.32 -9.56
CA LEU E 184 -20.94 -0.83 -8.97
C LEU E 184 -20.35 0.23 -9.87
N SER E 185 -19.76 1.26 -9.27
CA SER E 185 -19.00 2.26 -10.00
C SER E 185 -17.54 2.19 -9.57
N SER E 186 -16.65 2.61 -10.47
CA SER E 186 -15.23 2.76 -10.18
C SER E 186 -14.81 4.11 -10.75
N VAL E 187 -14.31 5.00 -9.90
CA VAL E 187 -13.96 6.34 -10.31
C VAL E 187 -12.48 6.60 -10.04
N VAL E 188 -11.94 7.60 -10.72
CA VAL E 188 -10.55 7.99 -10.52
C VAL E 188 -10.44 9.50 -10.72
N THR E 189 -9.58 10.13 -9.93
CA THR E 189 -9.30 11.55 -10.08
C THR E 189 -8.00 11.73 -10.87
N VAL E 190 -8.05 12.57 -11.89
CA VAL E 190 -6.90 12.83 -12.76
C VAL E 190 -6.77 14.33 -12.98
N PRO E 191 -5.56 14.80 -13.31
CA PRO E 191 -5.37 16.24 -13.59
C PRO E 191 -6.15 16.67 -14.82
N SER E 192 -6.84 17.82 -14.72
CA SER E 192 -7.63 18.33 -15.84
C SER E 192 -6.76 18.70 -17.05
N SER E 193 -5.45 18.87 -16.87
CA SER E 193 -4.58 19.18 -18.00
C SER E 193 -4.39 18.00 -18.95
N SER E 194 -4.49 16.77 -18.45
CA SER E 194 -4.16 15.59 -19.23
C SER E 194 -5.36 14.89 -19.89
N LEU E 195 -6.51 15.55 -20.00
CA LEU E 195 -7.66 14.90 -20.64
C LEU E 195 -7.67 15.03 -22.17
N GLY E 196 -6.66 15.65 -22.75
CA GLY E 196 -6.49 15.55 -24.17
C GLY E 196 -5.29 14.67 -24.44
N THR E 197 -4.33 14.69 -23.50
CA THR E 197 -3.11 13.91 -23.63
C THR E 197 -3.38 12.44 -23.37
N GLN E 198 -3.55 12.07 -22.11
CA GLN E 198 -3.67 10.68 -21.72
C GLN E 198 -5.09 10.16 -21.94
N THR E 199 -5.19 8.92 -22.38
CA THR E 199 -6.45 8.20 -22.46
C THR E 199 -6.60 7.33 -21.22
N TYR E 200 -7.84 7.20 -20.76
CA TYR E 200 -8.15 6.46 -19.54
C TYR E 200 -9.09 5.33 -19.90
N ILE E 201 -8.63 4.10 -19.69
CA ILE E 201 -9.38 2.89 -20.03
C ILE E 201 -9.52 2.06 -18.77
N CYS E 202 -10.74 1.74 -18.39
CA CYS E 202 -10.96 0.82 -17.29
C CYS E 202 -11.19 -0.58 -17.83
N ASN E 203 -10.56 -1.55 -17.18
CA ASN E 203 -10.61 -2.95 -17.59
C ASN E 203 -11.44 -3.70 -16.56
N VAL E 204 -12.61 -4.18 -16.98
CA VAL E 204 -13.54 -4.90 -16.11
C VAL E 204 -13.50 -6.37 -16.49
N ASN E 205 -13.29 -7.23 -15.51
CA ASN E 205 -13.18 -8.67 -15.72
C ASN E 205 -14.18 -9.35 -14.79
N HIS E 206 -15.06 -10.15 -15.38
CA HIS E 206 -16.03 -10.95 -14.62
C HIS E 206 -15.76 -12.41 -14.94
N LYS E 207 -15.08 -13.10 -14.03
CA LYS E 207 -14.72 -14.49 -14.26
C LYS E 207 -15.92 -15.42 -14.40
N PRO E 208 -16.97 -15.35 -13.56
CA PRO E 208 -18.07 -16.33 -13.69
C PRO E 208 -18.76 -16.34 -15.06
N SER E 209 -18.64 -15.29 -15.87
CA SER E 209 -19.14 -15.29 -17.23
C SER E 209 -17.99 -15.12 -18.22
N ASN E 210 -16.76 -15.05 -17.69
CA ASN E 210 -15.47 -14.86 -18.38
C ASN E 210 -15.65 -13.76 -19.42
N THR E 211 -16.11 -12.61 -18.92
CA THR E 211 -16.28 -11.40 -19.70
C THR E 211 -15.16 -10.44 -19.34
N LYS E 212 -14.61 -9.77 -20.36
CA LYS E 212 -13.50 -8.85 -20.16
C LYS E 212 -13.74 -7.69 -21.12
N VAL E 213 -14.19 -6.57 -20.56
CA VAL E 213 -14.48 -5.38 -21.34
C VAL E 213 -13.45 -4.32 -20.98
N ASP E 214 -12.85 -3.70 -21.98
CA ASP E 214 -11.89 -2.65 -21.74
C ASP E 214 -12.36 -1.41 -22.48
N LYS E 215 -13.09 -0.50 -21.82
CA LYS E 215 -13.54 0.68 -22.54
C LYS E 215 -12.91 1.96 -22.02
N LYS E 216 -12.55 2.80 -22.97
CA LYS E 216 -12.00 4.12 -22.76
C LYS E 216 -13.09 5.13 -22.40
N VAL E 217 -12.70 6.18 -21.69
CA VAL E 217 -13.60 7.22 -21.22
C VAL E 217 -13.11 8.56 -21.77
N GLU E 218 -14.03 9.32 -22.35
CA GLU E 218 -13.71 10.55 -23.04
C GLU E 218 -14.83 11.55 -22.79
N PRO E 219 -14.55 12.85 -22.94
CA PRO E 219 -15.60 13.86 -22.77
C PRO E 219 -16.72 13.68 -23.79
N LYS E 220 -17.77 14.49 -23.63
CA LYS E 220 -18.95 14.39 -24.49
C LYS E 220 -18.70 15.04 -25.85
N SER E 221 -19.77 15.36 -26.56
CA SER E 221 -19.67 16.00 -27.88
C SER E 221 -19.09 17.41 -27.80
N GLU F 1 -4.91 -18.92 49.11
CA GLU F 1 -4.09 -17.73 48.89
C GLU F 1 -4.66 -16.87 47.77
N GLU F 2 -4.94 -17.50 46.63
CA GLU F 2 -5.57 -16.81 45.50
C GLU F 2 -7.07 -16.73 45.70
N GLU F 3 -7.74 -16.00 44.82
CA GLU F 3 -9.19 -15.85 44.92
C GLU F 3 -9.91 -17.16 44.58
N LEU F 4 -11.05 -17.37 45.25
CA LEU F 4 -11.84 -18.57 45.06
C LEU F 4 -12.35 -18.68 43.63
N GLN F 5 -12.31 -19.89 43.07
CA GLN F 5 -12.85 -20.15 41.76
C GLN F 5 -13.75 -21.39 41.83
N VAL F 6 -14.88 -21.35 41.12
CA VAL F 6 -15.79 -22.48 41.03
C VAL F 6 -15.61 -23.13 39.67
N ILE F 7 -15.16 -24.38 39.67
CA ILE F 7 -14.74 -25.08 38.46
C ILE F 7 -15.65 -26.29 38.26
N GLN F 8 -16.40 -26.29 37.17
CA GLN F 8 -17.16 -27.45 36.70
C GLN F 8 -16.46 -27.98 35.45
N PRO F 9 -15.78 -29.13 35.53
CA PRO F 9 -14.93 -29.57 34.42
C PRO F 9 -15.67 -30.13 33.21
N ASP F 10 -16.96 -30.39 33.30
CA ASP F 10 -17.66 -31.11 32.24
C ASP F 10 -18.49 -30.11 31.45
N LYS F 11 -18.11 -29.89 30.20
CA LYS F 11 -18.92 -29.09 29.29
C LYS F 11 -20.33 -29.66 29.19
N SER F 12 -20.44 -30.99 29.08
CA SER F 12 -21.70 -31.71 28.92
C SER F 12 -21.51 -33.08 29.55
N VAL F 13 -22.61 -33.64 30.04
CA VAL F 13 -22.67 -35.01 30.53
C VAL F 13 -23.93 -35.57 29.92
N LEU F 14 -23.88 -36.70 29.25
CA LEU F 14 -25.18 -37.25 28.91
C LEU F 14 -25.34 -38.63 29.54
N VAL F 15 -26.55 -38.87 30.00
CA VAL F 15 -26.93 -40.03 30.79
C VAL F 15 -28.18 -40.64 30.17
N ALA F 16 -28.32 -41.95 30.30
CA ALA F 16 -29.51 -42.65 29.85
C ALA F 16 -30.66 -42.45 30.84
N ALA F 17 -31.88 -42.49 30.32
CA ALA F 17 -33.06 -42.32 31.14
C ALA F 17 -33.13 -43.41 32.21
N GLY F 18 -33.37 -43.00 33.45
CA GLY F 18 -33.43 -43.91 34.57
C GLY F 18 -32.13 -44.05 35.34
N GLU F 19 -31.00 -43.68 34.74
CA GLU F 19 -29.71 -43.80 35.41
C GLU F 19 -29.48 -42.59 36.32
N THR F 20 -28.26 -42.46 36.83
CA THR F 20 -27.88 -41.41 37.75
C THR F 20 -26.86 -40.49 37.08
N ALA F 21 -27.14 -39.20 37.08
CA ALA F 21 -26.23 -38.21 36.51
C ALA F 21 -25.31 -37.67 37.59
N THR F 22 -24.02 -37.59 37.28
CA THR F 22 -23.03 -37.04 38.20
C THR F 22 -22.57 -35.70 37.61
N LEU F 23 -22.73 -34.64 38.40
CA LEU F 23 -22.41 -33.27 37.99
C LEU F 23 -21.29 -32.81 38.90
N ARG F 24 -20.10 -32.62 38.33
CA ARG F 24 -18.93 -32.29 39.13
C ARG F 24 -18.73 -30.79 39.28
N CYS F 25 -18.23 -30.42 40.46
CA CYS F 25 -17.94 -29.04 40.79
C CYS F 25 -16.90 -28.98 41.90
N THR F 26 -15.95 -28.06 41.75
CA THR F 26 -14.88 -27.89 42.71
C THR F 26 -14.72 -26.41 42.99
N ALA F 27 -14.52 -26.06 44.26
CA ALA F 27 -14.12 -24.73 44.66
C ALA F 27 -12.65 -24.77 45.06
N THR F 28 -11.87 -23.78 44.61
CA THR F 28 -10.43 -23.82 44.83
C THR F 28 -10.01 -23.21 46.17
N SER F 29 -10.97 -22.84 47.02
CA SER F 29 -10.64 -22.22 48.30
C SER F 29 -11.84 -22.37 49.23
N LEU F 30 -11.63 -22.02 50.49
CA LEU F 30 -12.71 -22.01 51.46
C LEU F 30 -13.08 -20.61 51.94
N ILE F 31 -12.35 -19.58 51.49
CA ILE F 31 -12.69 -18.17 51.67
C ILE F 31 -13.20 -17.59 50.35
N PRO F 32 -14.27 -16.77 50.38
CA PRO F 32 -15.01 -16.41 51.60
C PRO F 32 -15.94 -17.53 52.05
N VAL F 33 -16.34 -17.52 53.32
CA VAL F 33 -17.25 -18.53 53.85
C VAL F 33 -18.64 -18.34 53.26
N GLY F 34 -19.32 -19.46 53.00
CA GLY F 34 -20.68 -19.43 52.50
C GLY F 34 -21.11 -20.72 51.81
N PRO F 35 -22.42 -20.90 51.68
CA PRO F 35 -22.94 -22.15 51.12
C PRO F 35 -22.83 -22.20 49.60
N ILE F 36 -22.82 -23.43 49.09
CA ILE F 36 -22.87 -23.72 47.66
C ILE F 36 -24.29 -24.09 47.31
N GLN F 37 -24.77 -23.61 46.16
CA GLN F 37 -26.09 -23.97 45.67
C GLN F 37 -26.01 -24.40 44.22
N TRP F 38 -26.89 -25.32 43.83
CA TRP F 38 -26.95 -25.81 42.45
C TRP F 38 -28.26 -25.32 41.84
N PHE F 39 -28.17 -24.80 40.62
CA PHE F 39 -29.34 -24.36 39.88
C PHE F 39 -29.38 -25.06 38.53
N ARG F 40 -30.58 -25.19 37.98
CA ARG F 40 -30.77 -25.56 36.60
C ARG F 40 -31.26 -24.33 35.84
N GLY F 41 -30.54 -23.96 34.80
CA GLY F 41 -30.88 -22.79 34.01
C GLY F 41 -30.13 -21.54 34.45
N ALA F 42 -30.14 -20.54 33.59
CA ALA F 42 -29.54 -19.26 33.85
C ALA F 42 -30.62 -18.19 33.82
N GLY F 43 -30.35 -17.07 34.46
CA GLY F 43 -31.29 -15.97 34.47
C GLY F 43 -32.21 -15.97 35.67
N PRO F 44 -33.23 -15.10 35.63
CA PRO F 44 -34.14 -15.00 36.78
C PRO F 44 -34.97 -16.25 37.03
N GLY F 45 -35.18 -17.09 36.02
CA GLY F 45 -35.95 -18.31 36.17
C GLY F 45 -35.15 -19.54 36.58
N ARG F 46 -34.13 -19.37 37.42
CA ARG F 46 -33.31 -20.51 37.83
C ARG F 46 -34.11 -21.42 38.76
N GLU F 47 -34.12 -22.71 38.46
CA GLU F 47 -34.70 -23.71 39.35
C GLU F 47 -33.64 -24.18 40.33
N LEU F 48 -33.94 -24.09 41.63
CA LEU F 48 -33.03 -24.55 42.68
C LEU F 48 -33.03 -26.08 42.75
N ILE F 49 -31.85 -26.67 42.54
CA ILE F 49 -31.66 -28.12 42.50
C ILE F 49 -31.08 -28.64 43.80
N TYR F 50 -30.22 -27.84 44.45
CA TYR F 50 -29.63 -28.23 45.72
C TYR F 50 -29.15 -26.97 46.45
N ASN F 51 -29.14 -27.05 47.78
CA ASN F 51 -28.73 -25.94 48.64
C ASN F 51 -28.02 -26.52 49.85
N GLN F 52 -26.73 -26.17 50.03
CA GLN F 52 -25.93 -26.73 51.12
C GLN F 52 -26.44 -26.27 52.49
N LYS F 53 -26.91 -25.03 52.56
CA LYS F 53 -27.35 -24.45 53.81
C LYS F 53 -28.51 -25.27 54.36
N GLU F 54 -29.66 -25.15 53.72
CA GLU F 54 -30.91 -25.52 54.37
C GLU F 54 -31.82 -26.02 53.25
N GLY F 55 -32.78 -26.87 53.57
CA GLY F 55 -33.74 -27.38 52.61
C GLY F 55 -33.48 -28.85 52.30
N HIS F 56 -34.51 -29.52 51.81
CA HIS F 56 -34.39 -30.96 51.55
C HIS F 56 -34.67 -31.27 50.07
N PHE F 57 -33.81 -32.09 49.48
CA PHE F 57 -33.83 -32.38 48.03
C PHE F 57 -33.63 -33.86 47.81
N PRO F 58 -34.72 -34.63 47.73
CA PRO F 58 -34.59 -36.10 47.82
C PRO F 58 -33.87 -36.77 46.65
N ARG F 59 -33.90 -36.20 45.45
CA ARG F 59 -33.27 -36.88 44.31
C ARG F 59 -31.77 -36.63 44.21
N VAL F 60 -31.20 -35.82 45.11
CA VAL F 60 -29.83 -35.33 45.00
C VAL F 60 -28.99 -35.98 46.08
N THR F 61 -27.80 -36.45 45.71
CA THR F 61 -26.82 -36.98 46.66
C THR F 61 -25.49 -36.28 46.43
N THR F 62 -24.87 -35.80 47.51
CA THR F 62 -23.57 -35.18 47.38
C THR F 62 -22.49 -36.25 47.28
N VAL F 63 -21.54 -36.04 46.37
CA VAL F 63 -20.48 -37.04 46.19
C VAL F 63 -19.62 -37.11 47.43
N SER F 64 -19.21 -35.95 47.95
CA SER F 64 -18.38 -35.86 49.14
C SER F 64 -19.26 -35.50 50.35
N ASP F 65 -18.62 -35.47 51.53
CA ASP F 65 -19.28 -35.05 52.77
C ASP F 65 -19.05 -33.56 52.95
N LEU F 66 -20.10 -32.75 52.84
CA LEU F 66 -19.94 -31.30 52.87
C LEU F 66 -19.67 -30.77 54.27
N THR F 67 -20.10 -31.48 55.31
CA THR F 67 -19.82 -31.03 56.68
C THR F 67 -18.34 -31.10 57.03
N LYS F 68 -17.51 -31.72 56.19
CA LYS F 68 -16.06 -31.69 56.44
C LYS F 68 -15.56 -30.26 56.34
N ARG F 69 -14.72 -29.86 57.29
CA ARG F 69 -14.32 -28.46 57.38
C ARG F 69 -13.47 -28.04 56.20
N ASN F 70 -12.63 -28.95 55.68
CA ASN F 70 -11.71 -28.68 54.60
C ASN F 70 -12.27 -29.06 53.23
N ASN F 71 -13.57 -29.30 53.13
CA ASN F 71 -14.14 -29.86 51.92
C ASN F 71 -14.20 -28.82 50.80
N MET F 72 -13.83 -29.26 49.60
CA MET F 72 -13.91 -28.42 48.41
C MET F 72 -14.64 -29.09 47.25
N ASP F 73 -15.09 -30.33 47.42
CA ASP F 73 -15.81 -31.06 46.38
C ASP F 73 -17.30 -30.85 46.56
N PHE F 74 -17.95 -30.30 45.53
CA PHE F 74 -19.38 -30.05 45.60
C PHE F 74 -20.12 -30.76 44.48
N SER F 75 -19.53 -31.85 43.99
CA SER F 75 -20.21 -32.66 43.00
C SER F 75 -21.47 -33.28 43.59
N ILE F 76 -22.48 -33.45 42.74
CA ILE F 76 -23.75 -34.02 43.15
C ILE F 76 -24.14 -35.10 42.14
N ARG F 77 -25.06 -35.97 42.59
CA ARG F 77 -25.63 -37.03 41.77
C ARG F 77 -27.15 -36.88 41.79
N ILE F 78 -27.78 -37.00 40.64
CA ILE F 78 -29.23 -36.90 40.51
C ILE F 78 -29.75 -38.22 39.97
N GLY F 79 -30.57 -38.93 40.78
CA GLY F 79 -31.03 -40.25 40.41
C GLY F 79 -32.32 -40.23 39.60
N ALA F 80 -32.57 -41.36 38.94
CA ALA F 80 -33.78 -41.58 38.15
C ALA F 80 -34.02 -40.42 37.19
N ILE F 81 -33.02 -40.21 36.33
CA ILE F 81 -33.08 -39.10 35.38
C ILE F 81 -34.17 -39.36 34.36
N THR F 82 -35.03 -38.37 34.17
CA THR F 82 -36.06 -38.38 33.13
C THR F 82 -35.75 -37.28 32.11
N PRO F 83 -36.37 -37.32 30.93
CA PRO F 83 -36.15 -36.24 29.95
C PRO F 83 -36.51 -34.85 30.47
N ALA F 84 -37.36 -34.75 31.49
CA ALA F 84 -37.67 -33.46 32.09
C ALA F 84 -36.50 -32.89 32.87
N ASP F 85 -35.45 -33.68 33.11
CA ASP F 85 -34.28 -33.22 33.86
C ASP F 85 -33.22 -32.60 32.96
N ALA F 86 -33.43 -32.61 31.65
CA ALA F 86 -32.46 -32.01 30.73
C ALA F 86 -32.35 -30.51 30.99
N GLY F 87 -31.18 -29.97 30.70
CA GLY F 87 -30.91 -28.56 30.90
C GLY F 87 -29.47 -28.38 31.33
N THR F 88 -29.11 -27.13 31.63
CA THR F 88 -27.77 -26.81 32.10
C THR F 88 -27.78 -26.58 33.60
N TYR F 89 -26.85 -27.22 34.31
CA TYR F 89 -26.79 -27.20 35.74
C TYR F 89 -25.56 -26.40 36.17
N TYR F 90 -25.78 -25.42 37.04
CA TYR F 90 -24.74 -24.48 37.45
C TYR F 90 -24.50 -24.67 38.94
N CYS F 91 -23.24 -24.71 39.30
CA CYS F 91 -22.78 -24.81 40.68
C CYS F 91 -22.34 -23.42 41.14
N VAL F 92 -23.03 -22.87 42.13
CA VAL F 92 -22.86 -21.46 42.48
C VAL F 92 -22.41 -21.35 43.94
N LYS F 93 -21.35 -20.58 44.16
CA LYS F 93 -20.87 -20.27 45.50
C LYS F 93 -21.50 -18.98 46.00
N PHE F 94 -22.03 -19.02 47.22
CA PHE F 94 -22.58 -17.85 47.88
C PHE F 94 -21.67 -17.46 49.05
N ARG F 95 -21.83 -16.22 49.49
CA ARG F 95 -21.15 -15.70 50.67
C ARG F 95 -22.21 -15.20 51.64
N LYS F 96 -21.88 -15.21 52.93
CA LYS F 96 -22.87 -14.80 53.93
C LYS F 96 -23.21 -13.32 53.77
N GLY F 97 -24.45 -13.01 54.13
CA GLY F 97 -24.93 -11.66 54.01
C GLY F 97 -26.03 -11.36 55.02
N SER F 98 -26.74 -10.27 54.81
CA SER F 98 -27.85 -9.82 55.63
C SER F 98 -28.90 -9.24 54.68
N PRO F 99 -30.16 -9.16 55.12
CA PRO F 99 -31.20 -9.99 54.54
C PRO F 99 -30.69 -11.41 54.24
N ASP F 100 -30.35 -11.69 52.98
CA ASP F 100 -30.03 -13.04 52.54
C ASP F 100 -28.55 -13.16 52.17
N ASP F 101 -28.08 -14.41 52.07
CA ASP F 101 -26.75 -14.67 51.54
C ASP F 101 -26.70 -14.27 50.07
N VAL F 102 -25.53 -13.84 49.61
CA VAL F 102 -25.46 -13.25 48.29
C VAL F 102 -24.52 -14.03 47.38
N GLU F 103 -24.90 -14.09 46.11
CA GLU F 103 -24.14 -14.74 45.06
C GLU F 103 -22.71 -14.23 45.01
N PHE F 104 -21.76 -15.15 44.87
CA PHE F 104 -20.36 -14.78 44.79
C PHE F 104 -19.70 -15.19 43.47
N LYS F 105 -19.69 -16.48 43.14
CA LYS F 105 -19.17 -16.94 41.85
C LYS F 105 -19.96 -18.15 41.39
N SER F 106 -19.94 -18.38 40.08
CA SER F 106 -20.65 -19.49 39.49
C SER F 106 -19.68 -20.29 38.64
N GLY F 107 -19.90 -21.61 38.58
CA GLY F 107 -19.25 -22.41 37.59
C GLY F 107 -19.81 -22.11 36.21
N ALA F 108 -19.12 -22.63 35.19
CA ALA F 108 -19.47 -22.38 33.78
C ALA F 108 -20.76 -23.07 33.38
N GLY F 109 -21.18 -24.09 34.12
CA GLY F 109 -22.38 -24.84 33.84
C GLY F 109 -22.08 -26.16 33.13
N THR F 110 -22.97 -27.13 33.32
CA THR F 110 -22.82 -28.41 32.66
C THR F 110 -24.14 -28.75 31.99
N GLU F 111 -24.09 -29.01 30.69
CA GLU F 111 -25.30 -29.39 29.98
C GLU F 111 -25.56 -30.87 30.24
N LEU F 112 -26.80 -31.19 30.61
CA LEU F 112 -27.19 -32.56 30.88
C LEU F 112 -28.18 -33.01 29.82
N SER F 113 -27.83 -34.04 29.06
CA SER F 113 -28.64 -34.57 27.99
C SER F 113 -29.10 -35.99 28.32
N VAL F 114 -30.33 -36.32 27.91
CA VAL F 114 -30.95 -37.61 28.21
C VAL F 114 -31.06 -38.43 26.93
N ARG F 115 -31.07 -39.75 27.10
CA ARG F 115 -31.25 -40.67 25.99
C ARG F 115 -32.58 -41.40 26.02
N ALA F 116 -32.90 -42.01 24.87
CA ALA F 116 -34.22 -42.57 24.64
C ALA F 116 -34.27 -44.06 24.97
N LYS F 117 -33.94 -44.89 23.97
CA LYS F 117 -34.01 -46.34 24.08
C LYS F 117 -35.43 -46.78 24.40
#